data_5XZQ
#
_entry.id   5XZQ
#
_cell.length_a   85.446
_cell.length_b   88.567
_cell.length_c   104.574
_cell.angle_alpha   90.00
_cell.angle_beta   105.99
_cell.angle_gamma   90.00
#
_symmetry.space_group_name_H-M   'P 1 21 1'
#
loop_
_entity.id
_entity.type
_entity.pdbx_description
1 polymer 'Hydroxynitrile lyase'
2 water water
#
_entity_poly.entity_id   1
_entity_poly.type   'polypeptide(L)'
_entity_poly.pdbx_seq_one_letter_code
;MNHKVHHHHHHIEGRHMELNPPEIVRHIVFNRYKSQLSQKQIDQIIADYGNLQNIAPEMKEWKWGTDLGPAVEDRADGFT
HAYESTFHSVADFLNFFYSPPALEFAKEFFPACEKIVVLNYIINETFPYTWALPNKYVVT
;
_entity_poly.pdbx_strand_id   A,B,C,D,E,F,G,H,I,J,K,L
#
# COMPACT_ATOMS: atom_id res chain seq x y z
N PRO A 22 37.30 -0.16 -20.41
CA PRO A 22 38.37 0.32 -19.54
C PRO A 22 39.47 -0.72 -19.37
N GLU A 23 40.55 -0.35 -18.68
CA GLU A 23 41.59 -1.32 -18.30
C GLU A 23 41.16 -2.04 -17.02
N ILE A 24 40.25 -3.01 -17.19
CA ILE A 24 39.76 -3.83 -16.08
C ILE A 24 40.96 -4.65 -15.61
N VAL A 25 41.34 -4.51 -14.34
CA VAL A 25 42.39 -5.37 -13.78
C VAL A 25 41.78 -6.65 -13.16
N ARG A 26 42.61 -7.44 -12.49
CA ARG A 26 42.19 -8.69 -11.88
C ARG A 26 43.21 -9.04 -10.79
N HIS A 27 42.75 -9.19 -9.56
CA HIS A 27 43.61 -9.52 -8.41
C HIS A 27 43.37 -10.98 -8.02
N ILE A 28 44.06 -11.89 -8.71
CA ILE A 28 43.94 -13.34 -8.48
C ILE A 28 44.98 -13.85 -7.48
N VAL A 29 44.52 -14.44 -6.38
CA VAL A 29 45.42 -14.98 -5.36
C VAL A 29 45.31 -16.49 -5.36
N PHE A 30 46.43 -17.16 -5.05
CA PHE A 30 46.49 -18.57 -4.71
C PHE A 30 47.19 -18.59 -3.37
N ASN A 31 46.84 -19.55 -2.51
CA ASN A 31 47.56 -19.69 -1.24
C ASN A 31 47.38 -21.09 -0.65
N ARG A 32 48.15 -21.31 0.43
CA ARG A 32 47.95 -22.41 1.36
C ARG A 32 48.22 -21.92 2.80
N TYR A 33 47.34 -22.29 3.74
CA TYR A 33 47.44 -21.78 5.12
C TYR A 33 48.35 -22.66 5.91
N LYS A 34 48.99 -22.08 6.91
CA LYS A 34 49.83 -22.84 7.81
C LYS A 34 49.03 -24.00 8.41
N SER A 35 49.70 -25.11 8.64
CA SER A 35 49.06 -26.30 9.19
C SER A 35 48.64 -26.14 10.67
N GLN A 36 49.23 -25.19 11.40
CA GLN A 36 48.89 -25.00 12.82
C GLN A 36 47.58 -24.22 13.08
N LEU A 37 47.03 -23.58 12.07
CA LEU A 37 45.81 -22.78 12.24
C LEU A 37 44.58 -23.67 12.21
N SER A 38 43.66 -23.41 13.13
CA SER A 38 42.37 -24.13 13.16
C SER A 38 41.63 -23.89 11.85
N GLN A 39 40.74 -24.81 11.47
CA GLN A 39 39.84 -24.55 10.32
C GLN A 39 38.91 -23.38 10.61
N LYS A 40 38.50 -23.27 11.87
CA LYS A 40 37.68 -22.17 12.36
C LYS A 40 38.35 -20.86 11.96
N GLN A 41 39.61 -20.70 12.41
CA GLN A 41 40.41 -19.51 12.11
C GLN A 41 40.76 -19.37 10.60
N ILE A 42 40.71 -20.45 9.83
CA ILE A 42 40.85 -20.36 8.37
C ILE A 42 39.54 -19.88 7.75
N ASP A 43 38.42 -20.51 8.12
CA ASP A 43 37.09 -20.00 7.76
C ASP A 43 36.96 -18.50 8.12
N GLN A 44 37.54 -18.09 9.25
CA GLN A 44 37.59 -16.67 9.68
C GLN A 44 38.15 -15.80 8.56
N ILE A 45 39.34 -16.17 8.10
CA ILE A 45 40.12 -15.29 7.25
C ILE A 45 39.47 -15.24 5.86
N ILE A 46 39.07 -16.37 5.31
CA ILE A 46 38.32 -16.33 4.02
C ILE A 46 37.18 -15.30 4.10
N ALA A 47 36.54 -15.21 5.27
CA ALA A 47 35.39 -14.32 5.49
C ALA A 47 35.78 -12.83 5.56
N ASP A 48 36.91 -12.52 6.21
CA ASP A 48 37.49 -11.16 6.18
C ASP A 48 37.85 -10.71 4.76
N TYR A 49 38.37 -11.63 3.94
CA TYR A 49 38.73 -11.34 2.55
C TYR A 49 37.48 -10.99 1.75
N GLY A 50 36.44 -11.80 1.88
CA GLY A 50 35.12 -11.47 1.33
C GLY A 50 34.46 -10.22 1.94
N ASN A 51 34.81 -9.91 3.20
CA ASN A 51 34.31 -8.71 3.87
C ASN A 51 35.27 -7.49 3.90
N LEU A 52 36.16 -7.41 2.92
CA LEU A 52 36.76 -6.16 2.46
C LEU A 52 36.02 -5.59 1.22
N GLN A 53 35.28 -6.46 0.51
CA GLN A 53 34.37 -6.05 -0.55
C GLN A 53 33.32 -5.02 -0.06
N ASN A 54 33.02 -5.01 1.23
CA ASN A 54 32.11 -4.02 1.83
C ASN A 54 32.79 -2.76 2.39
N ILE A 55 33.99 -2.87 2.98
CA ILE A 55 34.69 -1.72 3.61
C ILE A 55 35.76 -1.10 2.64
N ALA A 56 35.35 -0.96 1.36
CA ALA A 56 36.12 -0.31 0.27
C ALA A 56 35.51 -0.70 -1.09
N PRO A 57 34.71 0.18 -1.73
CA PRO A 57 33.89 -0.26 -2.87
C PRO A 57 34.61 -0.58 -4.21
N GLU A 58 35.94 -0.50 -4.26
CA GLU A 58 36.70 -0.75 -5.50
C GLU A 58 36.78 -2.24 -5.86
N MET A 59 37.09 -3.08 -4.87
CA MET A 59 37.10 -4.56 -5.01
C MET A 59 35.72 -5.07 -5.37
N LYS A 60 35.56 -5.67 -6.55
CA LYS A 60 34.23 -5.70 -7.16
C LYS A 60 33.64 -6.99 -7.72
N GLU A 61 34.37 -8.08 -7.87
CA GLU A 61 33.75 -9.33 -8.34
C GLU A 61 34.38 -10.51 -7.64
N TRP A 62 34.27 -10.45 -6.33
CA TRP A 62 35.00 -11.35 -5.45
C TRP A 62 34.33 -12.73 -5.41
N LYS A 63 35.14 -13.75 -5.66
CA LYS A 63 34.70 -15.14 -5.73
C LYS A 63 35.83 -15.98 -5.17
N TRP A 64 35.53 -17.16 -4.63
CA TRP A 64 36.56 -18.06 -4.12
C TRP A 64 36.25 -19.54 -4.41
N GLY A 65 37.17 -20.40 -4.04
CA GLY A 65 37.01 -21.85 -4.14
C GLY A 65 38.23 -22.58 -3.61
N THR A 66 38.05 -23.85 -3.25
CA THR A 66 39.16 -24.71 -2.92
C THR A 66 39.47 -25.55 -4.12
N ASP A 67 40.74 -25.94 -4.19
CA ASP A 67 41.22 -26.76 -5.31
C ASP A 67 40.52 -28.14 -5.31
N LEU A 68 40.05 -28.56 -6.47
CA LEU A 68 39.28 -29.81 -6.63
C LEU A 68 40.05 -31.13 -6.56
N GLY A 69 41.33 -31.07 -6.18
CA GLY A 69 42.13 -32.26 -5.96
C GLY A 69 42.54 -33.05 -7.20
N PRO A 70 43.35 -34.08 -6.99
CA PRO A 70 44.06 -34.75 -8.08
C PRO A 70 43.24 -35.59 -9.07
N ALA A 71 41.97 -35.84 -8.79
CA ALA A 71 41.11 -36.57 -9.73
C ALA A 71 40.84 -35.74 -10.97
N VAL A 72 40.73 -34.44 -10.75
CA VAL A 72 40.48 -33.50 -11.81
C VAL A 72 41.81 -33.15 -12.50
N GLU A 73 42.77 -32.69 -11.70
CA GLU A 73 44.12 -32.33 -12.19
C GLU A 73 45.11 -32.13 -11.03
N ASP A 74 46.40 -32.35 -11.32
CA ASP A 74 47.47 -32.49 -10.32
C ASP A 74 48.55 -31.40 -10.39
N ARG A 75 48.20 -30.23 -10.88
CA ARG A 75 49.15 -29.17 -11.13
C ARG A 75 48.97 -27.97 -10.19
N ALA A 76 48.25 -28.15 -9.09
CA ALA A 76 48.02 -27.08 -8.11
C ALA A 76 49.16 -26.86 -7.12
N ASP A 77 50.21 -27.68 -7.21
CA ASP A 77 51.45 -27.45 -6.47
C ASP A 77 51.17 -27.24 -4.97
N GLY A 78 50.24 -28.00 -4.39
CA GLY A 78 50.00 -27.89 -2.93
C GLY A 78 49.37 -26.58 -2.43
N PHE A 79 48.85 -25.77 -3.36
CA PHE A 79 48.10 -24.59 -3.03
C PHE A 79 46.64 -25.07 -2.93
N THR A 80 45.97 -24.65 -1.86
CA THR A 80 44.64 -25.16 -1.51
C THR A 80 43.53 -24.25 -2.02
N HIS A 81 43.62 -22.96 -1.70
CA HIS A 81 42.56 -21.98 -2.03
C HIS A 81 42.88 -21.00 -3.19
N ALA A 82 41.82 -20.37 -3.69
CA ALA A 82 41.87 -19.39 -4.78
C ALA A 82 40.86 -18.30 -4.53
N TYR A 83 41.26 -17.07 -4.82
CA TYR A 83 40.43 -15.88 -4.59
C TYR A 83 40.53 -14.95 -5.78
N GLU A 84 39.39 -14.52 -6.30
CA GLU A 84 39.32 -13.53 -7.37
C GLU A 84 38.87 -12.18 -6.83
N SER A 85 39.14 -11.13 -7.60
CA SER A 85 38.58 -9.80 -7.37
C SER A 85 38.34 -9.21 -8.75
N THR A 86 38.03 -7.92 -8.79
CA THR A 86 38.13 -7.11 -9.99
C THR A 86 38.30 -5.66 -9.56
N PHE A 87 39.05 -4.88 -10.33
CA PHE A 87 39.03 -3.42 -10.20
C PHE A 87 38.86 -2.83 -11.61
N HIS A 88 38.30 -1.63 -11.69
CA HIS A 88 38.08 -0.95 -12.98
C HIS A 88 39.29 -0.05 -13.38
N SER A 89 40.28 0.10 -12.48
CA SER A 89 41.61 0.64 -12.84
C SER A 89 42.67 0.30 -11.79
N VAL A 90 43.93 0.54 -12.15
CA VAL A 90 45.08 0.31 -11.25
C VAL A 90 45.13 1.28 -10.02
N ALA A 91 44.80 2.56 -10.23
CA ALA A 91 44.75 3.52 -9.12
C ALA A 91 43.72 3.11 -8.07
N ASP A 92 42.57 2.59 -8.53
CA ASP A 92 41.61 1.93 -7.63
C ASP A 92 42.37 1.01 -6.71
N PHE A 93 43.05 0.04 -7.33
CA PHE A 93 43.76 -1.01 -6.62
C PHE A 93 44.77 -0.45 -5.59
N LEU A 94 45.50 0.61 -5.96
CA LEU A 94 46.52 1.17 -5.05
C LEU A 94 45.93 1.95 -3.88
N ASN A 95 44.82 2.65 -4.12
CA ASN A 95 44.10 3.32 -3.04
C ASN A 95 43.67 2.24 -2.09
N PHE A 96 43.03 1.21 -2.67
CA PHE A 96 42.65 -0.01 -1.95
C PHE A 96 43.81 -0.68 -1.21
N PHE A 97 44.91 -0.94 -1.92
CA PHE A 97 46.10 -1.60 -1.33
C PHE A 97 46.63 -0.89 -0.08
N TYR A 98 46.54 0.44 -0.02
CA TYR A 98 47.08 1.18 1.14
C TYR A 98 46.06 1.59 2.20
N SER A 99 44.76 1.45 1.91
CA SER A 99 43.72 1.81 2.89
C SER A 99 43.89 0.94 4.16
N PRO A 100 43.77 1.54 5.38
CA PRO A 100 43.89 0.78 6.64
C PRO A 100 43.11 -0.54 6.74
N PRO A 101 41.94 -0.68 6.05
CA PRO A 101 41.35 -2.03 5.90
C PRO A 101 42.30 -3.08 5.27
N ALA A 102 42.68 -2.88 4.01
CA ALA A 102 43.52 -3.84 3.29
C ALA A 102 45.00 -3.90 3.76
N LEU A 103 45.46 -2.88 4.51
CA LEU A 103 46.74 -2.94 5.24
C LEU A 103 46.59 -3.74 6.54
N GLU A 104 45.40 -3.69 7.14
CA GLU A 104 45.08 -4.47 8.35
C GLU A 104 44.94 -5.94 7.96
N PHE A 105 44.00 -6.23 7.05
CA PHE A 105 43.80 -7.60 6.56
C PHE A 105 45.10 -8.27 6.10
N ALA A 106 46.03 -7.47 5.57
CA ALA A 106 47.38 -7.93 5.23
C ALA A 106 48.17 -8.45 6.42
N LYS A 107 48.14 -7.78 7.57
CA LYS A 107 48.79 -8.31 8.79
C LYS A 107 48.21 -9.67 9.27
N GLU A 108 47.01 -10.01 8.81
CA GLU A 108 46.32 -11.27 9.17
C GLU A 108 46.65 -12.37 8.16
N PHE A 109 46.50 -12.06 6.87
CA PHE A 109 46.61 -13.05 5.79
C PHE A 109 48.02 -13.63 5.52
N PHE A 110 49.02 -12.75 5.38
CA PHE A 110 50.34 -13.20 4.89
C PHE A 110 51.19 -13.96 5.91
N PRO A 111 50.94 -13.79 7.22
CA PRO A 111 51.52 -14.75 8.20
C PRO A 111 50.76 -16.06 8.30
N ALA A 112 49.43 -16.02 8.10
CA ALA A 112 48.59 -17.24 7.99
C ALA A 112 49.01 -18.09 6.80
N CYS A 113 49.27 -17.41 5.68
CA CYS A 113 49.80 -18.00 4.45
C CYS A 113 51.14 -18.76 4.64
N GLU A 114 51.17 -20.05 4.32
CA GLU A 114 52.44 -20.79 4.24
C GLU A 114 52.99 -20.87 2.82
N LYS A 115 52.11 -20.80 1.83
CA LYS A 115 52.45 -20.45 0.46
C LYS A 115 51.51 -19.37 -0.05
N ILE A 116 51.96 -18.62 -1.06
CA ILE A 116 51.25 -17.43 -1.53
C ILE A 116 51.84 -16.95 -2.85
N VAL A 117 50.98 -16.75 -3.84
CA VAL A 117 51.34 -16.10 -5.10
C VAL A 117 50.14 -15.23 -5.52
N VAL A 118 50.43 -13.95 -5.83
CA VAL A 118 49.45 -12.94 -6.26
C VAL A 118 49.84 -12.40 -7.63
N LEU A 119 48.90 -12.46 -8.59
CA LEU A 119 49.06 -11.89 -9.95
C LEU A 119 48.00 -10.83 -10.36
N ASN A 120 48.44 -9.58 -10.52
CA ASN A 120 47.61 -8.45 -10.98
C ASN A 120 47.79 -8.19 -12.48
N TYR A 121 46.71 -8.27 -13.27
CA TYR A 121 46.78 -8.15 -14.73
C TYR A 121 45.50 -7.55 -15.40
N ILE A 122 45.65 -6.99 -16.60
CA ILE A 122 44.52 -6.44 -17.36
C ILE A 122 44.01 -7.45 -18.40
N ILE A 123 42.73 -7.37 -18.73
CA ILE A 123 42.03 -8.41 -19.47
C ILE A 123 42.39 -8.46 -20.96
N ASN A 124 42.15 -9.62 -21.57
CA ASN A 124 42.27 -9.81 -23.01
C ASN A 124 41.42 -10.97 -23.53
N GLU A 125 40.62 -10.70 -24.58
CA GLU A 125 40.14 -11.72 -25.53
C GLU A 125 41.03 -11.64 -26.77
N THR A 126 41.24 -10.41 -27.27
CA THR A 126 42.24 -10.05 -28.29
C THR A 126 41.76 -10.32 -29.73
N PHE A 127 41.51 -11.60 -30.04
CA PHE A 127 41.49 -12.10 -31.44
C PHE A 127 40.11 -12.11 -32.16
N PRO A 128 39.00 -12.39 -31.43
CA PRO A 128 37.71 -11.87 -31.95
C PRO A 128 37.63 -10.32 -31.93
N TYR A 129 38.32 -9.71 -30.95
CA TYR A 129 38.27 -8.27 -30.69
C TYR A 129 39.20 -7.51 -31.62
N PRO B 22 27.38 -29.01 -7.78
CA PRO B 22 28.65 -28.68 -8.42
C PRO B 22 28.47 -28.23 -9.87
N GLU B 23 28.25 -26.92 -10.06
CA GLU B 23 27.94 -26.34 -11.39
C GLU B 23 29.07 -25.50 -12.02
N ILE B 24 29.37 -24.29 -11.53
CA ILE B 24 30.35 -23.45 -12.25
C ILE B 24 31.73 -23.57 -11.62
N VAL B 25 32.68 -24.00 -12.45
CA VAL B 25 34.09 -24.17 -12.04
C VAL B 25 35.02 -23.29 -12.91
N ARG B 26 35.97 -22.64 -12.24
CA ARG B 26 37.03 -21.92 -12.93
C ARG B 26 38.33 -22.74 -13.07
N HIS B 27 39.03 -22.48 -14.18
CA HIS B 27 40.34 -22.99 -14.48
C HIS B 27 41.25 -21.77 -14.50
N ILE B 28 42.00 -21.53 -13.42
CA ILE B 28 43.06 -20.48 -13.39
C ILE B 28 44.51 -21.05 -13.40
N VAL B 29 45.21 -20.74 -14.49
CA VAL B 29 46.61 -21.08 -14.71
C VAL B 29 47.45 -19.83 -14.55
N PHE B 30 48.53 -19.89 -13.76
CA PHE B 30 49.67 -18.97 -13.91
C PHE B 30 50.86 -19.70 -14.49
N ASN B 31 51.63 -19.02 -15.34
CA ASN B 31 52.94 -19.54 -15.73
C ASN B 31 53.99 -18.45 -15.88
N ARG B 32 55.21 -18.91 -16.05
CA ARG B 32 56.32 -18.12 -16.55
C ARG B 32 56.70 -18.84 -17.78
N TYR B 33 57.26 -18.14 -18.75
CA TYR B 33 57.76 -18.83 -19.94
C TYR B 33 59.26 -19.14 -19.80
N LYS B 34 59.70 -20.14 -20.57
CA LYS B 34 61.12 -20.47 -20.65
C LYS B 34 61.83 -19.36 -21.43
N SER B 35 62.98 -18.94 -20.91
CA SER B 35 63.69 -17.77 -21.43
C SER B 35 64.22 -17.93 -22.85
N GLN B 36 64.22 -19.17 -23.35
CA GLN B 36 64.68 -19.48 -24.70
C GLN B 36 63.63 -19.20 -25.75
N LEU B 37 62.36 -19.13 -25.34
CA LEU B 37 61.29 -18.95 -26.33
C LEU B 37 61.23 -17.50 -26.76
N SER B 38 61.08 -17.29 -28.06
CA SER B 38 60.84 -15.96 -28.62
C SER B 38 59.40 -15.47 -28.35
N GLN B 39 59.16 -14.16 -28.39
CA GLN B 39 57.79 -13.63 -28.31
C GLN B 39 56.86 -14.22 -29.38
N LYS B 40 57.34 -14.34 -30.62
CA LYS B 40 56.54 -14.87 -31.74
C LYS B 40 55.91 -16.20 -31.36
N GLN B 41 56.72 -17.05 -30.74
CA GLN B 41 56.29 -18.36 -30.20
C GLN B 41 55.35 -18.26 -28.99
N ILE B 42 55.69 -17.39 -28.04
CA ILE B 42 54.83 -17.18 -26.89
C ILE B 42 53.46 -16.68 -27.41
N ASP B 43 53.46 -15.73 -28.35
CA ASP B 43 52.24 -15.28 -29.06
C ASP B 43 51.44 -16.39 -29.75
N GLN B 44 52.11 -17.26 -30.49
CA GLN B 44 51.44 -18.40 -31.14
C GLN B 44 50.80 -19.37 -30.11
N ILE B 45 51.41 -19.45 -28.92
CA ILE B 45 50.95 -20.33 -27.83
C ILE B 45 49.71 -19.74 -27.15
N ILE B 46 49.75 -18.45 -26.80
CA ILE B 46 48.56 -17.74 -26.30
C ILE B 46 47.40 -17.86 -27.31
N ALA B 47 47.69 -17.57 -28.57
CA ALA B 47 46.68 -17.58 -29.61
C ALA B 47 46.05 -18.94 -29.72
N ASP B 48 46.86 -19.98 -29.59
CA ASP B 48 46.33 -21.33 -29.71
C ASP B 48 45.40 -21.63 -28.54
N TYR B 49 45.84 -21.29 -27.31
CA TYR B 49 45.00 -21.33 -26.10
C TYR B 49 43.65 -20.65 -26.35
N GLY B 50 43.71 -19.46 -26.95
CA GLY B 50 42.55 -18.71 -27.33
C GLY B 50 41.58 -19.52 -28.13
N ASN B 51 41.79 -19.61 -29.43
CA ASN B 51 40.88 -20.39 -30.28
C ASN B 51 40.76 -21.90 -29.96
N LEU B 52 41.31 -22.37 -28.84
CA LEU B 52 40.83 -23.60 -28.22
C LEU B 52 39.28 -23.57 -28.10
N GLN B 53 38.72 -22.43 -27.68
CA GLN B 53 37.26 -22.15 -27.69
C GLN B 53 36.51 -22.53 -28.99
N ASN B 54 37.15 -22.24 -30.13
CA ASN B 54 36.60 -22.56 -31.45
C ASN B 54 36.48 -24.06 -31.75
N ILE B 55 37.19 -24.89 -30.98
CA ILE B 55 37.17 -26.35 -31.14
C ILE B 55 36.48 -27.02 -29.92
N ALA B 56 36.80 -26.58 -28.70
CA ALA B 56 36.15 -27.11 -27.48
C ALA B 56 34.92 -26.29 -27.06
N PRO B 57 33.70 -26.89 -27.15
CA PRO B 57 32.51 -26.09 -26.76
C PRO B 57 32.42 -25.85 -25.25
N GLU B 58 32.89 -26.79 -24.45
CA GLU B 58 32.77 -26.71 -22.99
C GLU B 58 33.49 -25.47 -22.43
N MET B 59 34.54 -25.00 -23.12
CA MET B 59 35.41 -23.93 -22.65
C MET B 59 34.72 -22.62 -22.86
N LYS B 60 34.74 -21.75 -21.84
CA LYS B 60 33.84 -20.60 -21.86
C LYS B 60 34.35 -19.18 -21.72
N GLU B 61 34.94 -18.77 -20.61
CA GLU B 61 35.11 -17.29 -20.40
C GLU B 61 36.57 -16.84 -20.42
N TRP B 62 37.20 -17.08 -21.56
CA TRP B 62 38.65 -17.09 -21.68
C TRP B 62 39.25 -15.68 -21.64
N LYS B 63 40.11 -15.48 -20.64
CA LYS B 63 40.80 -14.21 -20.39
C LYS B 63 42.26 -14.52 -20.13
N TRP B 64 43.18 -13.72 -20.68
CA TRP B 64 44.59 -13.81 -20.30
C TRP B 64 45.17 -12.44 -20.01
N GLY B 65 46.35 -12.41 -19.39
CA GLY B 65 47.05 -11.16 -19.10
C GLY B 65 48.31 -11.29 -18.24
N THR B 66 49.09 -10.22 -18.24
CA THR B 66 50.46 -10.24 -17.78
C THR B 66 50.58 -9.41 -16.52
N ASP B 67 51.15 -10.01 -15.47
CA ASP B 67 51.31 -9.38 -14.16
C ASP B 67 51.97 -8.02 -14.25
N LEU B 68 51.38 -7.03 -13.62
CA LEU B 68 51.81 -5.65 -13.73
C LEU B 68 52.97 -5.34 -12.75
N GLY B 69 53.78 -6.34 -12.43
CA GLY B 69 55.15 -6.10 -12.02
C GLY B 69 55.36 -5.79 -10.57
N PRO B 70 56.63 -5.83 -10.11
CA PRO B 70 56.97 -5.42 -8.72
C PRO B 70 56.53 -3.99 -8.43
N ALA B 71 56.49 -3.16 -9.48
CA ALA B 71 55.84 -1.86 -9.45
C ALA B 71 54.62 -1.81 -8.50
N VAL B 72 53.61 -2.61 -8.84
CA VAL B 72 52.33 -2.64 -8.13
C VAL B 72 52.41 -3.46 -6.82
N GLU B 73 52.52 -4.79 -6.96
CA GLU B 73 52.60 -5.71 -5.82
C GLU B 73 53.63 -6.78 -6.13
N ASP B 74 54.52 -7.05 -5.18
CA ASP B 74 55.68 -7.92 -5.41
C ASP B 74 55.49 -9.33 -4.80
N ARG B 75 54.46 -10.03 -5.28
CA ARG B 75 54.20 -11.40 -4.81
C ARG B 75 53.85 -12.31 -5.96
N ALA B 76 54.45 -12.09 -7.12
CA ALA B 76 54.23 -13.03 -8.21
C ALA B 76 55.23 -14.18 -8.19
N ASP B 77 56.20 -14.15 -7.24
CA ASP B 77 57.21 -15.22 -7.11
C ASP B 77 57.78 -15.65 -8.48
N GLY B 78 58.02 -14.67 -9.34
CA GLY B 78 58.45 -14.93 -10.70
C GLY B 78 57.41 -15.42 -11.72
N PHE B 79 56.14 -15.53 -11.37
CA PHE B 79 55.10 -15.79 -12.40
C PHE B 79 54.77 -14.50 -13.20
N THR B 80 54.62 -14.64 -14.51
CA THR B 80 54.46 -13.49 -15.43
C THR B 80 53.07 -13.39 -15.99
N HIS B 81 52.53 -14.50 -16.52
CA HIS B 81 51.18 -14.53 -17.12
C HIS B 81 50.14 -15.20 -16.20
N ALA B 82 48.87 -15.05 -16.59
CA ALA B 82 47.69 -15.56 -15.89
C ALA B 82 46.57 -15.79 -16.91
N TYR B 83 45.89 -16.95 -16.84
CA TYR B 83 44.87 -17.35 -17.82
C TYR B 83 43.66 -17.98 -17.13
N GLU B 84 42.46 -17.39 -17.34
CA GLU B 84 41.19 -17.94 -16.81
C GLU B 84 40.37 -18.58 -17.90
N SER B 85 39.90 -19.79 -17.62
CA SER B 85 38.90 -20.46 -18.45
C SER B 85 37.76 -20.86 -17.48
N THR B 86 36.51 -20.93 -17.94
CA THR B 86 35.30 -21.14 -17.08
C THR B 86 34.44 -22.23 -17.70
N PHE B 87 33.74 -23.00 -16.86
CA PHE B 87 32.93 -24.16 -17.36
C PHE B 87 31.56 -24.32 -16.68
N HIS B 88 30.59 -24.81 -17.45
CA HIS B 88 29.19 -24.90 -17.00
C HIS B 88 28.80 -26.30 -16.44
N SER B 89 29.60 -26.78 -15.49
CA SER B 89 29.50 -28.10 -14.79
C SER B 89 30.88 -28.73 -14.67
N VAL B 90 31.24 -29.15 -13.46
CA VAL B 90 32.36 -30.08 -13.29
C VAL B 90 32.38 -31.25 -14.31
N ALA B 91 31.22 -31.65 -14.81
CA ALA B 91 31.13 -32.65 -15.90
C ALA B 91 31.65 -32.15 -17.26
N ASP B 92 31.34 -30.91 -17.62
CA ASP B 92 31.87 -30.30 -18.85
C ASP B 92 33.38 -30.13 -18.72
N PHE B 93 33.87 -29.77 -17.53
CA PHE B 93 35.30 -29.66 -17.34
C PHE B 93 36.02 -30.97 -17.55
N LEU B 94 35.52 -32.06 -16.95
CA LEU B 94 36.14 -33.37 -17.21
C LEU B 94 36.09 -33.74 -18.70
N ASN B 95 34.95 -33.57 -19.38
CA ASN B 95 34.82 -33.99 -20.81
C ASN B 95 35.86 -33.31 -21.69
N PHE B 96 36.04 -32.01 -21.44
CA PHE B 96 37.06 -31.18 -22.09
C PHE B 96 38.47 -31.74 -21.82
N PHE B 97 38.89 -31.77 -20.55
CA PHE B 97 40.28 -32.15 -20.14
C PHE B 97 40.79 -33.54 -20.64
N TYR B 98 39.89 -34.44 -21.04
CA TYR B 98 40.28 -35.70 -21.68
C TYR B 98 39.85 -35.75 -23.16
N SER B 99 39.67 -34.59 -23.80
CA SER B 99 39.27 -34.55 -25.23
C SER B 99 40.52 -34.41 -26.10
N PRO B 100 40.43 -34.85 -27.37
CA PRO B 100 41.60 -34.62 -28.25
C PRO B 100 42.21 -33.20 -28.11
N PRO B 101 41.42 -32.12 -28.31
CA PRO B 101 42.00 -30.77 -28.39
C PRO B 101 42.66 -30.27 -27.11
N ALA B 102 42.01 -30.51 -25.99
CA ALA B 102 42.54 -30.12 -24.71
C ALA B 102 43.88 -30.80 -24.42
N LEU B 103 43.97 -32.09 -24.77
CA LEU B 103 45.22 -32.86 -24.60
C LEU B 103 46.27 -32.45 -25.62
N GLU B 104 45.84 -32.33 -26.89
CA GLU B 104 46.66 -31.78 -27.99
C GLU B 104 47.34 -30.51 -27.54
N PHE B 105 46.52 -29.55 -27.09
CA PHE B 105 47.06 -28.27 -26.71
C PHE B 105 47.94 -28.32 -25.45
N ALA B 106 47.68 -29.26 -24.54
CA ALA B 106 48.54 -29.41 -23.35
C ALA B 106 50.01 -29.83 -23.67
N LYS B 107 50.22 -30.52 -24.78
CA LYS B 107 51.58 -30.90 -25.16
C LYS B 107 52.33 -29.69 -25.67
N GLU B 108 51.63 -28.78 -26.36
CA GLU B 108 52.21 -27.49 -26.79
C GLU B 108 52.61 -26.61 -25.58
N PHE B 109 51.70 -26.49 -24.60
CA PHE B 109 51.78 -25.42 -23.59
C PHE B 109 52.67 -25.69 -22.37
N PHE B 110 52.48 -26.84 -21.72
CA PHE B 110 53.21 -27.12 -20.45
C PHE B 110 54.74 -27.24 -20.64
N PRO B 111 55.19 -27.87 -21.74
CA PRO B 111 56.58 -27.84 -22.20
C PRO B 111 57.22 -26.48 -22.49
N ALA B 112 56.42 -25.43 -22.66
CA ALA B 112 56.89 -24.05 -22.76
C ALA B 112 56.95 -23.30 -21.43
N CYS B 113 56.51 -23.91 -20.33
CA CYS B 113 56.46 -23.22 -19.02
C CYS B 113 57.70 -23.49 -18.20
N GLU B 114 58.25 -22.48 -17.57
CA GLU B 114 59.36 -22.65 -16.64
C GLU B 114 58.85 -22.76 -15.22
N LYS B 115 57.78 -22.01 -14.92
CA LYS B 115 56.98 -22.19 -13.70
C LYS B 115 55.54 -22.46 -14.13
N ILE B 116 54.83 -23.30 -13.38
CA ILE B 116 53.44 -23.67 -13.66
C ILE B 116 52.69 -23.85 -12.33
N VAL B 117 51.44 -23.38 -12.29
CA VAL B 117 50.53 -23.67 -11.17
C VAL B 117 49.10 -23.47 -11.61
N VAL B 118 48.22 -24.38 -11.20
CA VAL B 118 46.91 -24.46 -11.82
C VAL B 118 45.88 -24.94 -10.82
N LEU B 119 44.85 -24.10 -10.60
CA LEU B 119 43.72 -24.43 -9.72
C LEU B 119 42.40 -24.50 -10.47
N ASN B 120 41.73 -25.64 -10.34
CA ASN B 120 40.32 -25.70 -10.64
C ASN B 120 39.62 -25.64 -9.30
N TYR B 121 38.61 -24.77 -9.22
CA TYR B 121 37.73 -24.67 -8.05
C TYR B 121 36.30 -24.43 -8.47
N ILE B 122 35.34 -24.97 -7.73
CA ILE B 122 33.94 -24.61 -7.88
C ILE B 122 33.78 -23.20 -7.33
N ILE B 123 33.09 -22.36 -8.10
CA ILE B 123 33.04 -20.91 -7.87
C ILE B 123 32.09 -20.63 -6.70
N ASN B 124 32.57 -19.85 -5.73
CA ASN B 124 31.83 -19.59 -4.51
C ASN B 124 31.80 -18.08 -4.15
N GLU B 125 30.63 -17.45 -4.32
CA GLU B 125 30.40 -16.03 -3.93
C GLU B 125 30.16 -15.78 -2.42
N THR B 126 30.00 -16.86 -1.64
CA THR B 126 29.47 -16.85 -0.25
C THR B 126 30.63 -16.95 0.80
N PHE B 127 30.49 -16.32 1.98
CA PHE B 127 31.50 -16.44 3.08
C PHE B 127 31.18 -17.64 4.02
N PRO B 128 32.08 -17.93 5.01
CA PRO B 128 31.73 -18.68 6.23
C PRO B 128 31.86 -17.83 7.51
N PRO C 21 -44.23 -1.33 20.08
CA PRO C 21 -43.67 -0.66 18.91
C PRO C 21 -44.63 0.36 18.25
N PRO C 22 -44.16 1.60 17.94
CA PRO C 22 -45.05 2.61 17.33
C PRO C 22 -45.35 2.36 15.84
N GLU C 23 -46.61 2.53 15.44
CA GLU C 23 -47.03 2.33 14.05
C GLU C 23 -47.36 3.68 13.39
N ILE C 24 -46.29 4.35 12.96
CA ILE C 24 -46.35 5.72 12.45
C ILE C 24 -46.91 5.75 11.02
N VAL C 25 -47.88 6.63 10.74
CA VAL C 25 -48.63 6.61 9.46
C VAL C 25 -48.29 7.80 8.57
N ARG C 26 -48.54 7.64 7.28
CA ARG C 26 -48.17 8.63 6.27
C ARG C 26 -49.38 8.97 5.39
N HIS C 27 -49.65 10.24 5.21
CA HIS C 27 -50.73 10.70 4.33
C HIS C 27 -50.03 11.41 3.16
N ILE C 28 -49.78 10.66 2.09
CA ILE C 28 -49.15 11.20 0.88
C ILE C 28 -50.27 11.42 -0.16
N VAL C 29 -50.51 12.68 -0.50
CA VAL C 29 -51.45 13.05 -1.56
C VAL C 29 -50.66 13.45 -2.78
N PHE C 30 -51.08 12.95 -3.96
CA PHE C 30 -50.72 13.52 -5.24
C PHE C 30 -51.99 14.10 -5.82
N ASN C 31 -51.85 15.17 -6.59
CA ASN C 31 -53.00 15.77 -7.25
C ASN C 31 -52.58 16.60 -8.45
N ARG C 32 -53.54 17.09 -9.21
CA ARG C 32 -53.33 18.12 -10.24
C ARG C 32 -54.52 19.10 -10.19
N TYR C 33 -54.24 20.40 -10.24
CA TYR C 33 -55.30 21.39 -10.14
C TYR C 33 -56.09 21.48 -11.45
N LYS C 34 -57.32 21.94 -11.38
CA LYS C 34 -58.09 22.21 -12.55
C LYS C 34 -57.56 23.51 -13.15
N SER C 35 -57.62 23.60 -14.47
CA SER C 35 -56.93 24.63 -15.24
C SER C 35 -57.51 26.03 -15.04
N GLN C 36 -58.82 26.06 -14.77
CA GLN C 36 -59.56 27.28 -14.39
C GLN C 36 -59.07 27.95 -13.11
N LEU C 37 -58.33 27.24 -12.26
CA LEU C 37 -57.72 27.88 -11.08
C LEU C 37 -56.48 28.72 -11.42
N SER C 38 -56.27 29.80 -10.66
CA SER C 38 -55.09 30.66 -10.80
C SER C 38 -54.01 30.21 -9.82
N GLN C 39 -52.78 30.71 -9.95
CA GLN C 39 -51.71 30.41 -8.97
C GLN C 39 -52.01 31.04 -7.57
N LYS C 40 -52.62 32.21 -7.58
CA LYS C 40 -53.14 32.84 -6.35
C LYS C 40 -53.93 31.79 -5.57
N GLN C 41 -54.97 31.28 -6.24
CA GLN C 41 -55.88 30.31 -5.68
C GLN C 41 -55.20 29.01 -5.29
N ILE C 42 -54.20 28.57 -6.04
CA ILE C 42 -53.49 27.33 -5.69
C ILE C 42 -52.64 27.55 -4.46
N ASP C 43 -51.90 28.66 -4.45
CA ASP C 43 -51.10 29.04 -3.28
C ASP C 43 -52.00 29.20 -2.06
N GLN C 44 -53.18 29.79 -2.28
CA GLN C 44 -54.16 29.99 -1.21
C GLN C 44 -54.59 28.64 -0.62
N ILE C 45 -54.87 27.67 -1.48
CA ILE C 45 -55.20 26.31 -1.04
C ILE C 45 -54.04 25.68 -0.32
N ILE C 46 -52.84 25.81 -0.90
CA ILE C 46 -51.68 25.13 -0.32
C ILE C 46 -51.35 25.69 1.09
N ALA C 47 -51.46 26.99 1.25
CA ALA C 47 -51.31 27.64 2.55
C ALA C 47 -52.36 27.19 3.58
N ASP C 48 -53.61 26.96 3.16
CA ASP C 48 -54.66 26.40 4.05
C ASP C 48 -54.38 24.95 4.45
N TYR C 49 -53.78 24.17 3.53
CA TYR C 49 -53.32 22.81 3.82
C TYR C 49 -52.18 22.93 4.85
N GLY C 50 -51.26 23.86 4.58
CA GLY C 50 -50.19 24.20 5.52
C GLY C 50 -50.64 24.60 6.92
N ASN C 51 -51.55 25.59 7.02
CA ASN C 51 -51.99 26.12 8.34
C ASN C 51 -52.75 25.05 9.16
N LEU C 52 -53.41 24.13 8.48
CA LEU C 52 -53.99 22.91 9.11
C LEU C 52 -53.10 22.22 10.17
N GLN C 53 -51.80 22.13 9.90
CA GLN C 53 -50.84 21.58 10.87
C GLN C 53 -50.83 22.38 12.20
N ASN C 54 -51.03 23.70 12.12
CA ASN C 54 -51.15 24.59 13.29
C ASN C 54 -52.46 24.31 14.01
N ILE C 55 -53.58 24.46 13.29
CA ILE C 55 -54.92 24.37 13.87
C ILE C 55 -55.59 22.97 13.78
N ALA C 56 -54.77 21.91 13.80
CA ALA C 56 -55.21 20.52 14.07
C ALA C 56 -53.96 19.68 14.40
N PRO C 57 -53.71 19.38 15.69
CA PRO C 57 -52.38 19.00 16.19
C PRO C 57 -51.83 17.60 15.82
N GLU C 58 -52.67 16.74 15.26
CA GLU C 58 -52.29 15.37 14.90
C GLU C 58 -51.32 15.40 13.70
N MET C 59 -51.62 16.27 12.73
CA MET C 59 -50.78 16.49 11.56
C MET C 59 -49.43 17.10 11.96
N LYS C 60 -48.33 16.44 11.58
CA LYS C 60 -47.05 16.62 12.28
C LYS C 60 -45.72 16.54 11.48
N GLU C 61 -45.75 16.51 10.15
CA GLU C 61 -44.48 16.64 9.38
C GLU C 61 -44.80 17.08 7.95
N TRP C 62 -45.54 18.18 7.85
CA TRP C 62 -46.06 18.65 6.57
C TRP C 62 -44.93 19.12 5.67
N LYS C 63 -44.76 18.39 4.57
CA LYS C 63 -43.94 18.82 3.47
C LYS C 63 -44.86 18.83 2.24
N TRP C 64 -44.51 19.62 1.24
CA TRP C 64 -45.16 19.53 -0.06
C TRP C 64 -44.15 19.93 -1.12
N GLY C 65 -44.58 19.89 -2.38
CA GLY C 65 -43.77 20.41 -3.46
C GLY C 65 -44.29 20.01 -4.81
N THR C 66 -43.63 20.53 -5.84
CA THR C 66 -44.02 20.37 -7.23
C THR C 66 -43.10 19.45 -7.99
N ASP C 67 -43.70 18.64 -8.87
CA ASP C 67 -42.97 17.60 -9.56
C ASP C 67 -42.01 18.22 -10.55
N LEU C 68 -40.78 17.69 -10.55
CA LEU C 68 -39.71 18.22 -11.39
C LEU C 68 -39.78 17.94 -12.90
N GLY C 69 -40.82 17.24 -13.38
CA GLY C 69 -41.12 17.16 -14.83
C GLY C 69 -40.38 16.03 -15.54
N PRO C 70 -40.71 15.77 -16.81
CA PRO C 70 -40.07 14.78 -17.71
C PRO C 70 -38.55 14.82 -17.80
N ALA C 71 -37.98 16.02 -17.75
CA ALA C 71 -36.52 16.18 -17.75
C ALA C 71 -35.84 15.33 -16.69
N VAL C 72 -36.49 15.14 -15.55
CA VAL C 72 -35.97 14.25 -14.50
C VAL C 72 -36.51 12.83 -14.67
N GLU C 73 -37.80 12.72 -14.91
CA GLU C 73 -38.51 11.44 -15.06
C GLU C 73 -39.93 11.73 -15.53
N ASP C 74 -40.44 10.91 -16.45
CA ASP C 74 -41.73 11.15 -17.08
C ASP C 74 -42.71 10.04 -16.67
N ARG C 75 -42.79 9.81 -15.36
CA ARG C 75 -43.73 8.86 -14.80
C ARG C 75 -44.74 9.50 -13.84
N ALA C 76 -44.81 10.83 -13.82
CA ALA C 76 -45.77 11.52 -12.95
C ALA C 76 -47.20 11.45 -13.44
N ASP C 77 -47.42 11.03 -14.69
CA ASP C 77 -48.78 10.79 -15.18
C ASP C 77 -49.69 12.03 -15.00
N GLY C 78 -49.16 13.23 -15.28
CA GLY C 78 -49.95 14.46 -15.18
C GLY C 78 -50.25 14.96 -13.77
N PHE C 79 -49.75 14.29 -12.73
CA PHE C 79 -49.80 14.83 -11.39
C PHE C 79 -48.67 15.83 -11.22
N THR C 80 -49.00 16.98 -10.63
CA THR C 80 -48.08 18.13 -10.52
C THR C 80 -47.60 18.43 -9.12
N HIS C 81 -48.37 18.09 -8.09
CA HIS C 81 -47.96 18.40 -6.69
C HIS C 81 -48.03 17.16 -5.82
N ALA C 82 -47.07 17.00 -4.91
CA ALA C 82 -47.21 16.02 -3.83
C ALA C 82 -47.27 16.77 -2.53
N TYR C 83 -48.08 16.26 -1.59
CA TYR C 83 -48.15 16.76 -0.21
C TYR C 83 -47.95 15.61 0.75
N GLU C 84 -47.10 15.81 1.77
CA GLU C 84 -46.81 14.80 2.79
C GLU C 84 -47.24 15.19 4.22
N SER C 85 -47.89 14.29 4.94
CA SER C 85 -48.19 14.45 6.37
C SER C 85 -47.75 13.20 7.15
N THR C 86 -47.66 13.33 8.48
CA THR C 86 -47.34 12.22 9.39
C THR C 86 -48.20 12.22 10.67
N PHE C 87 -48.57 11.02 11.13
CA PHE C 87 -49.42 10.85 12.31
C PHE C 87 -48.85 9.72 13.16
N HIS C 88 -48.76 9.97 14.46
CA HIS C 88 -48.06 9.08 15.41
C HIS C 88 -48.84 7.80 15.75
N SER C 89 -50.07 7.68 15.25
CA SER C 89 -50.74 6.38 15.10
C SER C 89 -51.90 6.43 14.10
N VAL C 90 -52.34 5.25 13.67
CA VAL C 90 -53.48 5.11 12.75
C VAL C 90 -54.84 5.59 13.34
N ALA C 91 -54.98 5.50 14.67
CA ALA C 91 -56.13 6.08 15.37
C ALA C 91 -56.13 7.62 15.31
N ASP C 92 -54.96 8.24 15.54
CA ASP C 92 -54.79 9.69 15.35
C ASP C 92 -55.35 10.14 14.01
N PHE C 93 -54.90 9.50 12.93
CA PHE C 93 -55.34 9.90 11.59
C PHE C 93 -56.87 10.01 11.45
N LEU C 94 -57.60 9.09 12.09
CA LEU C 94 -59.06 9.09 12.01
C LEU C 94 -59.70 10.29 12.74
N ASN C 95 -59.11 10.70 13.86
CA ASN C 95 -59.62 11.85 14.63
C ASN C 95 -59.26 13.14 13.92
N PHE C 96 -58.23 13.09 13.09
CA PHE C 96 -57.92 14.21 12.23
C PHE C 96 -58.90 14.26 11.06
N PHE C 97 -59.02 13.16 10.30
CA PHE C 97 -59.87 13.07 9.09
C PHE C 97 -61.27 13.62 9.33
N TYR C 98 -61.81 13.38 10.52
CA TYR C 98 -63.19 13.78 10.87
C TYR C 98 -63.27 15.02 11.73
N SER C 99 -62.13 15.61 12.11
CA SER C 99 -62.13 16.92 12.79
C SER C 99 -62.77 18.00 11.90
N PRO C 100 -63.43 19.01 12.50
CA PRO C 100 -64.05 20.01 11.65
C PRO C 100 -63.12 20.69 10.65
N PRO C 101 -61.91 21.13 11.08
CA PRO C 101 -61.06 21.84 10.11
C PRO C 101 -60.65 21.02 8.89
N ALA C 102 -60.45 19.72 9.07
CA ALA C 102 -60.19 18.76 7.99
C ALA C 102 -61.29 18.71 6.93
N LEU C 103 -62.52 18.46 7.39
CA LEU C 103 -63.68 18.41 6.51
C LEU C 103 -63.86 19.75 5.82
N GLU C 104 -63.36 20.81 6.46
CA GLU C 104 -63.37 22.15 5.86
C GLU C 104 -62.37 22.22 4.73
N PHE C 105 -61.13 21.85 5.01
CA PHE C 105 -60.12 21.88 3.99
C PHE C 105 -60.50 20.96 2.84
N ALA C 106 -61.05 19.79 3.16
CA ALA C 106 -61.64 18.91 2.15
C ALA C 106 -62.55 19.63 1.14
N LYS C 107 -63.56 20.38 1.58
CA LYS C 107 -64.47 21.11 0.64
C LYS C 107 -63.76 22.17 -0.25
N GLU C 108 -62.61 22.67 0.20
CA GLU C 108 -61.81 23.62 -0.58
C GLU C 108 -60.89 22.85 -1.55
N PHE C 109 -60.25 21.79 -1.04
CA PHE C 109 -59.23 21.07 -1.77
C PHE C 109 -59.79 20.11 -2.84
N PHE C 110 -60.74 19.25 -2.50
CA PHE C 110 -61.11 18.19 -3.45
C PHE C 110 -61.78 18.73 -4.73
N PRO C 111 -62.73 19.67 -4.61
CA PRO C 111 -63.28 20.19 -5.86
C PRO C 111 -62.28 20.89 -6.82
N ALA C 112 -61.14 21.34 -6.32
CA ALA C 112 -60.12 21.99 -7.18
C ALA C 112 -59.18 20.98 -7.85
N CYS C 113 -59.22 19.72 -7.44
CA CYS C 113 -58.44 18.65 -8.06
C CYS C 113 -59.06 18.22 -9.38
N GLU C 114 -58.26 18.18 -10.44
CA GLU C 114 -58.66 17.51 -11.65
C GLU C 114 -58.20 16.06 -11.61
N LYS C 115 -57.11 15.78 -10.92
CA LYS C 115 -56.73 14.42 -10.62
C LYS C 115 -56.40 14.36 -9.12
N ILE C 116 -56.51 13.17 -8.54
CA ILE C 116 -56.28 12.99 -7.11
C ILE C 116 -56.04 11.52 -6.79
N VAL C 117 -54.96 11.24 -6.08
CA VAL C 117 -54.78 9.94 -5.44
C VAL C 117 -54.27 10.26 -4.07
N VAL C 118 -54.80 9.55 -3.08
CA VAL C 118 -54.30 9.61 -1.71
C VAL C 118 -54.02 8.19 -1.26
N LEU C 119 -52.96 8.04 -0.48
CA LEU C 119 -52.64 6.79 0.15
C LEU C 119 -52.31 7.06 1.61
N ASN C 120 -52.61 6.08 2.45
CA ASN C 120 -52.34 6.12 3.87
C ASN C 120 -51.78 4.75 4.22
N TYR C 121 -50.59 4.72 4.82
CA TYR C 121 -49.94 3.45 5.12
C TYR C 121 -49.09 3.53 6.36
N ILE C 122 -48.89 2.40 7.02
CA ILE C 122 -48.00 2.34 8.18
C ILE C 122 -46.57 2.26 7.65
N ILE C 123 -45.68 2.98 8.34
CA ILE C 123 -44.28 3.17 7.92
C ILE C 123 -43.43 1.94 8.28
N ASN C 124 -42.60 1.56 7.33
CA ASN C 124 -41.97 0.24 7.30
C ASN C 124 -40.54 0.38 6.75
N GLU C 125 -39.55 0.28 7.65
CA GLU C 125 -38.12 0.28 7.30
C GLU C 125 -37.56 -1.15 7.12
N THR C 126 -38.05 -2.12 7.91
CA THR C 126 -37.70 -3.55 7.80
C THR C 126 -38.18 -4.15 6.47
N PHE C 127 -37.42 -5.13 5.97
CA PHE C 127 -37.64 -5.77 4.66
C PHE C 127 -38.86 -6.71 4.79
N PRO C 128 -39.51 -7.09 3.66
CA PRO C 128 -40.65 -8.01 3.78
C PRO C 128 -40.21 -9.44 4.11
N PRO D 21 -32.08 27.49 1.98
CA PRO D 21 -33.08 26.47 1.57
C PRO D 21 -32.48 25.05 1.37
N PRO D 22 -32.71 24.11 2.34
CA PRO D 22 -32.13 22.74 2.32
C PRO D 22 -31.98 21.99 0.95
N GLU D 23 -32.88 22.21 -0.01
CA GLU D 23 -32.70 21.76 -1.42
C GLU D 23 -32.76 20.22 -1.75
N ILE D 24 -33.50 19.49 -0.93
CA ILE D 24 -33.57 18.03 -1.00
C ILE D 24 -34.66 17.57 -1.98
N VAL D 25 -34.41 16.48 -2.69
CA VAL D 25 -35.46 15.90 -3.54
C VAL D 25 -36.16 14.75 -2.80
N ARG D 26 -37.39 14.46 -3.22
CA ARG D 26 -38.16 13.40 -2.61
C ARG D 26 -38.76 12.60 -3.75
N HIS D 27 -38.43 11.30 -3.76
CA HIS D 27 -38.86 10.33 -4.78
C HIS D 27 -39.98 9.49 -4.16
N ILE D 28 -41.21 9.70 -4.62
CA ILE D 28 -42.36 8.98 -4.09
C ILE D 28 -42.98 8.18 -5.23
N VAL D 29 -42.98 6.86 -5.07
CA VAL D 29 -43.60 5.97 -6.02
C VAL D 29 -44.83 5.32 -5.38
N PHE D 30 -45.97 5.46 -6.04
CA PHE D 30 -47.17 4.71 -5.72
C PHE D 30 -47.30 3.63 -6.79
N ASN D 31 -47.66 2.39 -6.40
CA ASN D 31 -47.92 1.33 -7.41
C ASN D 31 -48.99 0.27 -7.06
N ARG D 32 -49.45 -0.39 -8.12
CA ARG D 32 -50.28 -1.59 -8.02
C ARG D 32 -49.60 -2.70 -8.81
N TYR D 33 -49.44 -3.86 -8.19
CA TYR D 33 -48.90 -5.05 -8.88
C TYR D 33 -49.98 -5.80 -9.67
N LYS D 34 -49.55 -6.46 -10.74
CA LYS D 34 -50.45 -7.24 -11.59
C LYS D 34 -51.05 -8.42 -10.85
N SER D 35 -52.29 -8.76 -11.22
CA SER D 35 -53.04 -9.87 -10.62
C SER D 35 -52.25 -11.19 -10.69
N GLN D 36 -51.62 -11.43 -11.84
CA GLN D 36 -50.67 -12.53 -12.04
C GLN D 36 -49.91 -12.91 -10.76
N LEU D 37 -49.20 -11.93 -10.21
CA LEU D 37 -48.08 -12.21 -9.30
C LEU D 37 -48.49 -12.72 -7.94
N SER D 38 -47.48 -13.19 -7.20
CA SER D 38 -47.62 -13.73 -5.87
C SER D 38 -47.01 -12.78 -4.86
N GLN D 39 -47.47 -12.86 -3.62
CA GLN D 39 -46.86 -12.17 -2.48
C GLN D 39 -45.39 -12.47 -2.32
N LYS D 40 -45.03 -13.74 -2.52
CA LYS D 40 -43.65 -14.19 -2.42
C LYS D 40 -42.76 -13.40 -3.40
N GLN D 41 -43.26 -13.24 -4.63
CA GLN D 41 -42.59 -12.46 -5.68
C GLN D 41 -42.60 -10.95 -5.35
N ILE D 42 -43.77 -10.43 -5.01
CA ILE D 42 -43.92 -9.01 -4.58
C ILE D 42 -42.95 -8.66 -3.43
N ASP D 43 -42.79 -9.58 -2.47
CA ASP D 43 -41.82 -9.36 -1.41
C ASP D 43 -40.39 -9.29 -1.95
N GLN D 44 -40.05 -10.12 -2.93
CA GLN D 44 -38.72 -10.09 -3.55
C GLN D 44 -38.44 -8.75 -4.26
N ILE D 45 -39.47 -8.11 -4.81
CA ILE D 45 -39.29 -6.76 -5.39
C ILE D 45 -39.09 -5.75 -4.25
N ILE D 46 -40.02 -5.70 -3.29
CA ILE D 46 -39.95 -4.77 -2.13
C ILE D 46 -38.55 -4.85 -1.51
N ALA D 47 -38.07 -6.07 -1.27
CA ALA D 47 -36.76 -6.30 -0.67
C ALA D 47 -35.59 -5.81 -1.53
N ASP D 48 -35.70 -5.97 -2.86
CA ASP D 48 -34.66 -5.45 -3.78
C ASP D 48 -34.73 -3.91 -3.91
N TYR D 49 -35.95 -3.34 -3.84
CA TYR D 49 -36.13 -1.86 -3.82
C TYR D 49 -35.30 -1.30 -2.68
N GLY D 50 -35.57 -1.79 -1.47
CA GLY D 50 -34.90 -1.31 -0.27
C GLY D 50 -33.41 -1.58 -0.30
N ASN D 51 -33.04 -2.77 -0.77
CA ASN D 51 -31.63 -3.18 -0.94
C ASN D 51 -30.84 -2.20 -1.80
N LEU D 52 -31.52 -1.54 -2.73
CA LEU D 52 -30.91 -0.50 -3.58
C LEU D 52 -30.30 0.64 -2.74
N GLN D 53 -30.79 0.86 -1.52
CA GLN D 53 -30.10 1.76 -0.56
C GLN D 53 -28.69 1.29 -0.22
N ASN D 54 -28.51 -0.02 -0.07
CA ASN D 54 -27.18 -0.60 0.18
C ASN D 54 -26.23 -0.46 -1.03
N ILE D 55 -26.76 -0.53 -2.27
CA ILE D 55 -25.94 -0.40 -3.50
C ILE D 55 -26.12 0.98 -4.17
N ALA D 56 -26.00 2.04 -3.36
CA ALA D 56 -25.99 3.44 -3.82
C ALA D 56 -25.96 4.36 -2.59
N PRO D 57 -24.94 5.22 -2.47
CA PRO D 57 -24.93 6.15 -1.32
C PRO D 57 -25.96 7.28 -1.44
N GLU D 58 -26.48 7.49 -2.66
CA GLU D 58 -27.39 8.60 -2.96
C GLU D 58 -28.78 8.39 -2.36
N MET D 59 -29.39 7.24 -2.66
CA MET D 59 -30.70 6.82 -2.08
C MET D 59 -30.56 6.79 -0.56
N LYS D 60 -31.44 7.50 0.17
CA LYS D 60 -31.15 7.83 1.59
C LYS D 60 -32.24 7.91 2.70
N GLU D 61 -33.52 7.62 2.44
CA GLU D 61 -34.50 7.52 3.55
C GLU D 61 -35.62 6.56 3.16
N TRP D 62 -35.22 5.33 2.84
CA TRP D 62 -36.13 4.39 2.18
C TRP D 62 -37.23 3.86 3.12
N LYS D 63 -38.48 4.12 2.75
CA LYS D 63 -39.65 3.65 3.50
C LYS D 63 -40.79 3.21 2.55
N TRP D 64 -41.74 2.45 3.09
CA TRP D 64 -42.90 2.01 2.32
C TRP D 64 -44.03 1.55 3.25
N GLY D 65 -45.12 1.11 2.64
CA GLY D 65 -46.23 0.49 3.35
C GLY D 65 -47.35 0.23 2.36
N THR D 66 -48.48 -0.25 2.85
CA THR D 66 -49.60 -0.61 1.99
C THR D 66 -50.78 0.23 2.35
N ASP D 67 -51.39 0.83 1.33
CA ASP D 67 -52.61 1.64 1.54
C ASP D 67 -53.61 0.97 2.48
N LEU D 68 -53.78 1.54 3.66
CA LEU D 68 -54.64 0.95 4.66
C LEU D 68 -56.05 0.67 4.19
N GLY D 69 -56.47 1.27 3.06
CA GLY D 69 -57.64 0.85 2.32
C GLY D 69 -58.93 1.39 2.90
N PRO D 70 -59.98 1.46 2.07
CA PRO D 70 -61.19 2.28 2.26
C PRO D 70 -61.68 2.52 3.70
N ALA D 71 -61.61 1.52 4.56
CA ALA D 71 -61.89 1.68 6.00
C ALA D 71 -61.38 3.02 6.60
N VAL D 72 -60.19 3.41 6.17
CA VAL D 72 -59.55 4.68 6.52
C VAL D 72 -60.01 5.82 5.59
N GLU D 73 -59.68 5.70 4.30
CA GLU D 73 -60.11 6.63 3.23
C GLU D 73 -60.11 5.90 1.89
N ASP D 74 -61.05 6.27 1.03
CA ASP D 74 -61.29 5.57 -0.24
C ASP D 74 -60.95 6.48 -1.42
N ARG D 75 -59.67 6.84 -1.48
CA ARG D 75 -59.12 7.68 -2.55
C ARG D 75 -57.83 7.11 -3.15
N ALA D 76 -57.50 5.84 -2.88
CA ALA D 76 -56.30 5.24 -3.47
C ALA D 76 -56.50 4.92 -4.96
N ASP D 77 -57.74 4.85 -5.43
CA ASP D 77 -58.00 4.67 -6.85
C ASP D 77 -57.08 3.64 -7.47
N GLY D 78 -57.11 2.45 -6.89
CA GLY D 78 -56.42 1.29 -7.42
C GLY D 78 -55.08 1.05 -6.80
N PHE D 79 -54.40 2.09 -6.35
CA PHE D 79 -53.02 1.93 -5.85
C PHE D 79 -52.95 1.20 -4.49
N THR D 80 -51.93 0.34 -4.33
CA THR D 80 -51.78 -0.49 -3.12
C THR D 80 -50.51 -0.19 -2.30
N HIS D 81 -49.43 0.20 -2.96
CA HIS D 81 -48.13 0.43 -2.32
C HIS D 81 -47.57 1.83 -2.59
N ALA D 82 -46.88 2.36 -1.60
CA ALA D 82 -46.20 3.66 -1.69
C ALA D 82 -44.75 3.40 -1.33
N TYR D 83 -43.84 4.15 -1.95
CA TYR D 83 -42.39 4.08 -1.61
C TYR D 83 -41.84 5.50 -1.49
N GLU D 84 -40.92 5.68 -0.55
CA GLU D 84 -40.32 6.97 -0.19
C GLU D 84 -38.82 6.83 -0.26
N SER D 85 -38.16 7.73 -0.97
CA SER D 85 -36.71 7.78 -0.98
C SER D 85 -36.31 9.26 -1.01
N THR D 86 -35.03 9.55 -0.78
CA THR D 86 -34.56 10.93 -0.56
C THR D 86 -33.12 11.11 -1.08
N PHE D 87 -32.88 12.21 -1.81
CA PHE D 87 -31.58 12.49 -2.41
C PHE D 87 -31.19 13.94 -2.12
N HIS D 88 -29.94 14.18 -1.72
CA HIS D 88 -29.51 15.55 -1.36
C HIS D 88 -29.20 16.51 -2.55
N SER D 89 -29.58 16.12 -3.77
CA SER D 89 -29.77 17.03 -4.93
C SER D 89 -30.39 16.30 -6.13
N VAL D 90 -30.82 17.04 -7.13
CA VAL D 90 -31.26 16.43 -8.38
C VAL D 90 -30.08 15.79 -9.16
N ALA D 91 -28.86 16.29 -8.92
CA ALA D 91 -27.64 15.68 -9.47
C ALA D 91 -27.48 14.26 -8.92
N ASP D 92 -27.41 14.14 -7.58
CA ASP D 92 -27.40 12.85 -6.87
C ASP D 92 -28.38 11.86 -7.50
N PHE D 93 -29.61 12.32 -7.76
CA PHE D 93 -30.69 11.48 -8.28
C PHE D 93 -30.43 10.94 -9.70
N LEU D 94 -29.91 11.81 -10.57
CA LEU D 94 -29.66 11.44 -11.95
C LEU D 94 -28.41 10.60 -12.13
N ASN D 95 -27.38 10.82 -11.30
CA ASN D 95 -26.23 9.88 -11.16
C ASN D 95 -26.79 8.48 -10.92
N PHE D 96 -27.58 8.37 -9.86
CA PHE D 96 -28.26 7.14 -9.45
C PHE D 96 -29.27 6.59 -10.48
N PHE D 97 -30.07 7.45 -11.12
CA PHE D 97 -31.07 7.00 -12.14
C PHE D 97 -30.38 6.31 -13.33
N TYR D 98 -29.16 6.74 -13.61
CA TYR D 98 -28.37 6.19 -14.71
C TYR D 98 -27.24 5.24 -14.27
N SER D 99 -26.97 5.14 -12.95
CA SER D 99 -26.02 4.13 -12.43
C SER D 99 -26.61 2.70 -12.56
N PRO D 100 -25.77 1.68 -12.84
CA PRO D 100 -26.26 0.34 -13.29
C PRO D 100 -27.27 -0.46 -12.41
N PRO D 101 -27.15 -0.40 -11.06
CA PRO D 101 -28.15 -0.99 -10.15
C PRO D 101 -29.60 -0.58 -10.43
N ALA D 102 -29.86 0.72 -10.41
CA ALA D 102 -31.21 1.24 -10.63
C ALA D 102 -31.69 1.04 -12.06
N LEU D 103 -30.78 1.05 -13.02
CA LEU D 103 -31.15 0.78 -14.43
C LEU D 103 -31.71 -0.62 -14.63
N GLU D 104 -31.25 -1.58 -13.82
CA GLU D 104 -31.72 -2.97 -13.87
C GLU D 104 -32.64 -3.39 -12.71
N PHE D 105 -32.71 -2.60 -11.63
CA PHE D 105 -33.85 -2.70 -10.72
C PHE D 105 -35.08 -2.15 -11.42
N ALA D 106 -34.92 -1.09 -12.18
CA ALA D 106 -36.03 -0.51 -12.95
C ALA D 106 -36.66 -1.48 -13.95
N LYS D 107 -35.85 -2.41 -14.47
CA LYS D 107 -36.35 -3.50 -15.35
C LYS D 107 -37.25 -4.46 -14.58
N GLU D 108 -36.90 -4.68 -13.31
CA GLU D 108 -37.72 -5.47 -12.38
C GLU D 108 -39.06 -4.81 -12.12
N PHE D 109 -39.02 -3.52 -11.76
CA PHE D 109 -40.16 -2.84 -11.14
C PHE D 109 -41.28 -2.42 -12.08
N PHE D 110 -40.95 -1.78 -13.21
CA PHE D 110 -41.98 -1.12 -14.05
C PHE D 110 -42.81 -2.11 -14.88
N PRO D 111 -42.21 -3.24 -15.34
CA PRO D 111 -43.02 -4.34 -15.89
C PRO D 111 -43.86 -5.14 -14.86
N ALA D 112 -43.46 -5.10 -13.59
CA ALA D 112 -44.24 -5.71 -12.49
C ALA D 112 -45.55 -4.98 -12.12
N CYS D 113 -45.74 -3.78 -12.66
CA CYS D 113 -46.79 -2.87 -12.24
C CYS D 113 -48.00 -2.95 -13.16
N GLU D 114 -49.19 -3.14 -12.58
CA GLU D 114 -50.46 -2.91 -13.30
C GLU D 114 -50.70 -1.41 -13.38
N LYS D 115 -50.33 -0.67 -12.31
CA LYS D 115 -50.43 0.80 -12.23
C LYS D 115 -49.15 1.38 -11.68
N ILE D 116 -48.82 2.57 -12.14
CA ILE D 116 -47.65 3.28 -11.63
C ILE D 116 -47.90 4.78 -11.60
N VAL D 117 -47.28 5.45 -10.63
CA VAL D 117 -47.07 6.90 -10.68
C VAL D 117 -45.92 7.29 -9.78
N VAL D 118 -45.04 8.14 -10.32
CA VAL D 118 -43.78 8.48 -9.67
C VAL D 118 -43.66 9.98 -9.64
N LEU D 119 -43.25 10.53 -8.50
CA LEU D 119 -43.06 11.97 -8.37
C LEU D 119 -41.74 12.29 -7.72
N ASN D 120 -41.06 13.28 -8.28
CA ASN D 120 -39.79 13.79 -7.77
C ASN D 120 -40.00 15.25 -7.50
N TYR D 121 -39.76 15.65 -6.26
CA TYR D 121 -40.04 17.03 -5.88
C TYR D 121 -39.14 17.57 -4.80
N ILE D 122 -39.09 18.90 -4.72
CA ILE D 122 -38.24 19.59 -3.74
C ILE D 122 -39.02 19.68 -2.40
N ILE D 123 -38.43 19.15 -1.31
CA ILE D 123 -39.03 19.31 0.03
C ILE D 123 -39.23 20.80 0.18
N ASN D 124 -40.47 21.17 0.48
CA ASN D 124 -40.87 22.55 0.67
C ASN D 124 -41.76 22.52 1.92
N GLU D 125 -41.45 23.36 2.91
CA GLU D 125 -42.14 23.38 4.22
C GLU D 125 -42.83 24.74 4.45
N THR D 126 -43.05 25.46 3.34
CA THR D 126 -43.36 26.89 3.30
C THR D 126 -44.80 27.05 2.77
N PHE D 127 -45.60 27.91 3.43
CA PHE D 127 -46.89 28.34 2.86
C PHE D 127 -46.48 29.36 1.78
N PRO D 128 -46.85 29.15 0.48
CA PRO D 128 -46.31 30.01 -0.57
C PRO D 128 -47.13 31.30 -0.71
N PRO E 22 4.68 24.66 8.81
CA PRO E 22 3.46 24.37 8.04
C PRO E 22 2.19 24.54 8.87
N GLU E 23 1.27 25.39 8.41
CA GLU E 23 0.08 25.77 9.16
C GLU E 23 -1.06 24.76 9.01
N ILE E 24 -1.39 24.11 10.13
CA ILE E 24 -2.44 23.12 10.20
C ILE E 24 -3.62 23.74 10.96
N VAL E 25 -4.76 23.87 10.26
CA VAL E 25 -5.98 24.43 10.86
C VAL E 25 -6.86 23.31 11.44
N ARG E 26 -7.23 23.46 12.71
CA ARG E 26 -8.25 22.62 13.34
C ARG E 26 -9.62 23.33 13.35
N HIS E 27 -10.63 22.63 12.82
CA HIS E 27 -12.03 23.07 12.72
C HIS E 27 -12.74 22.27 13.79
N ILE E 28 -13.08 22.91 14.90
CA ILE E 28 -13.70 22.23 16.04
C ILE E 28 -15.12 22.74 16.26
N VAL E 29 -16.11 21.94 15.83
CA VAL E 29 -17.53 22.28 16.04
C VAL E 29 -18.02 21.76 17.40
N PHE E 30 -18.84 22.58 18.07
CA PHE E 30 -19.73 22.13 19.15
C PHE E 30 -21.19 22.38 18.76
N ASN E 31 -22.11 21.69 19.43
CA ASN E 31 -23.55 21.95 19.28
C ASN E 31 -24.41 21.27 20.37
N ARG E 32 -25.72 21.41 20.16
CA ARG E 32 -26.76 20.59 20.78
C ARG E 32 -27.78 20.44 19.64
N TYR E 33 -28.45 19.30 19.53
CA TYR E 33 -29.45 19.14 18.46
C TYR E 33 -30.83 19.67 18.90
N LYS E 34 -31.76 19.81 17.94
CA LYS E 34 -33.04 20.50 18.20
C LYS E 34 -33.96 19.61 19.04
N SER E 35 -34.03 19.95 20.33
CA SER E 35 -34.62 19.10 21.38
C SER E 35 -36.05 18.63 21.07
N GLN E 36 -36.80 19.46 20.35
CA GLN E 36 -38.08 19.06 19.80
C GLN E 36 -37.89 18.19 18.55
N LEU E 37 -36.93 17.24 18.54
CA LEU E 37 -36.75 16.31 17.42
C LEU E 37 -35.79 15.11 17.70
N SER E 38 -35.49 14.34 16.66
CA SER E 38 -35.17 12.89 16.71
C SER E 38 -33.83 12.47 17.33
N GLN E 39 -33.58 11.16 17.27
CA GLN E 39 -32.26 10.53 17.42
C GLN E 39 -31.80 9.80 16.13
N LYS E 40 -32.74 9.26 15.36
CA LYS E 40 -32.41 8.54 14.11
C LYS E 40 -31.97 9.51 13.00
N GLN E 41 -32.58 10.71 12.96
CA GLN E 41 -32.14 11.78 12.02
C GLN E 41 -30.71 12.22 12.34
N ILE E 42 -30.41 12.31 13.64
CA ILE E 42 -29.06 12.64 14.11
C ILE E 42 -28.01 11.67 13.55
N ASP E 43 -28.29 10.37 13.55
CA ASP E 43 -27.38 9.42 12.88
C ASP E 43 -27.31 9.61 11.36
N GLN E 44 -28.42 10.02 10.71
CA GLN E 44 -28.42 10.45 9.29
C GLN E 44 -27.57 11.72 9.07
N ILE E 45 -27.65 12.67 10.01
CA ILE E 45 -26.86 13.91 10.00
C ILE E 45 -25.35 13.64 10.11
N ILE E 46 -24.98 12.79 11.08
CA ILE E 46 -23.58 12.45 11.34
C ILE E 46 -23.06 11.53 10.24
N ALA E 47 -23.90 10.60 9.78
CA ALA E 47 -23.61 9.80 8.59
C ALA E 47 -23.21 10.69 7.41
N ASP E 48 -23.85 11.85 7.29
CA ASP E 48 -23.45 12.86 6.30
C ASP E 48 -22.13 13.55 6.68
N TYR E 49 -22.03 14.02 7.93
CA TYR E 49 -20.84 14.81 8.38
C TYR E 49 -19.53 14.03 8.19
N GLY E 50 -19.45 12.84 8.74
CA GLY E 50 -18.26 12.02 8.64
C GLY E 50 -17.87 11.71 7.20
N ASN E 51 -18.82 11.18 6.43
CA ASN E 51 -18.56 10.68 5.07
C ASN E 51 -18.48 11.79 4.01
N LEU E 52 -18.82 13.02 4.41
CA LEU E 52 -18.42 14.23 3.68
C LEU E 52 -16.98 14.09 3.19
N GLN E 53 -16.09 13.78 4.14
CA GLN E 53 -14.65 13.50 3.95
C GLN E 53 -14.27 12.58 2.78
N ASN E 54 -15.18 11.69 2.37
CA ASN E 54 -14.95 10.82 1.19
C ASN E 54 -14.83 11.67 -0.08
N ILE E 55 -15.80 12.56 -0.29
CA ILE E 55 -15.84 13.44 -1.48
C ILE E 55 -15.25 14.85 -1.25
N ALA E 56 -14.94 15.20 0.01
CA ALA E 56 -14.13 16.39 0.34
C ALA E 56 -12.69 15.94 0.59
N PRO E 57 -11.78 16.10 -0.41
CA PRO E 57 -10.41 15.58 -0.26
C PRO E 57 -9.55 16.32 0.77
N GLU E 58 -9.85 17.61 0.96
CA GLU E 58 -9.07 18.48 1.82
C GLU E 58 -9.36 18.30 3.32
N MET E 59 -10.54 17.78 3.67
CA MET E 59 -10.86 17.41 5.06
C MET E 59 -10.17 16.07 5.36
N LYS E 60 -9.46 15.98 6.49
CA LYS E 60 -8.46 14.90 6.68
C LYS E 60 -8.42 14.08 7.98
N GLU E 61 -8.96 14.54 9.10
CA GLU E 61 -8.94 13.69 10.30
C GLU E 61 -10.22 13.86 11.06
N TRP E 62 -11.34 13.58 10.41
CA TRP E 62 -12.61 13.79 11.05
C TRP E 62 -12.76 12.87 12.28
N LYS E 63 -13.35 13.41 13.33
CA LYS E 63 -13.69 12.67 14.55
C LYS E 63 -14.94 13.32 15.07
N TRP E 64 -15.53 12.71 16.08
CA TRP E 64 -16.74 13.24 16.71
C TRP E 64 -16.99 12.47 18.00
N GLY E 65 -17.80 13.03 18.89
CA GLY E 65 -18.14 12.33 20.10
C GLY E 65 -19.10 13.13 20.92
N THR E 66 -19.56 12.54 22.02
CA THR E 66 -20.64 13.07 22.83
C THR E 66 -20.17 13.33 24.26
N ASP E 67 -20.58 14.47 24.82
CA ASP E 67 -20.19 14.90 26.18
C ASP E 67 -20.43 13.79 27.20
N LEU E 68 -19.47 13.62 28.11
CA LEU E 68 -19.49 12.56 29.13
C LEU E 68 -20.28 12.95 30.40
N GLY E 69 -21.00 14.07 30.35
CA GLY E 69 -21.96 14.44 31.38
C GLY E 69 -21.28 14.98 32.63
N PRO E 70 -22.05 15.60 33.55
CA PRO E 70 -21.52 16.26 34.78
C PRO E 70 -20.62 15.36 35.63
N ALA E 71 -20.96 14.06 35.65
CA ALA E 71 -20.08 12.95 36.01
C ALA E 71 -18.60 13.31 35.88
N VAL E 72 -18.26 13.79 34.69
CA VAL E 72 -16.92 14.18 34.36
C VAL E 72 -16.65 15.63 34.76
N GLU E 73 -17.53 16.56 34.42
CA GLU E 73 -17.27 18.01 34.60
C GLU E 73 -18.52 18.88 34.43
N ASP E 74 -18.69 19.87 35.30
CA ASP E 74 -19.90 20.71 35.34
C ASP E 74 -19.73 22.02 34.53
N ARG E 75 -19.31 21.92 33.26
CA ARG E 75 -18.96 23.13 32.47
C ARG E 75 -19.27 23.17 30.96
N ALA E 76 -19.80 22.10 30.37
CA ALA E 76 -20.23 22.14 28.96
C ALA E 76 -21.28 23.22 28.65
N ASP E 77 -22.11 23.59 29.63
CA ASP E 77 -23.07 24.68 29.53
C ASP E 77 -24.07 24.44 28.39
N GLY E 78 -24.82 23.36 28.53
CA GLY E 78 -25.89 23.04 27.61
C GLY E 78 -25.45 22.30 26.36
N PHE E 79 -24.15 22.21 26.13
CA PHE E 79 -23.64 21.60 24.89
C PHE E 79 -23.57 20.09 25.02
N THR E 80 -23.69 19.38 23.89
CA THR E 80 -23.80 17.89 23.88
C THR E 80 -22.81 17.16 22.96
N HIS E 81 -22.73 17.55 21.69
CA HIS E 81 -21.83 16.92 20.73
C HIS E 81 -20.57 17.80 20.46
N ALA E 82 -19.59 17.23 19.77
CA ALA E 82 -18.37 17.93 19.36
C ALA E 82 -17.71 17.19 18.21
N TYR E 83 -16.98 17.92 17.39
CA TYR E 83 -16.50 17.45 16.07
C TYR E 83 -15.18 18.12 15.77
N GLU E 84 -14.24 17.34 15.21
CA GLU E 84 -12.91 17.84 14.83
C GLU E 84 -12.65 17.50 13.36
N SER E 85 -12.09 18.45 12.61
CA SER E 85 -11.51 18.15 11.27
C SER E 85 -10.16 18.80 11.20
N THR E 86 -9.42 18.51 10.14
CA THR E 86 -8.05 19.01 9.98
C THR E 86 -7.79 19.29 8.49
N PHE E 87 -7.10 20.37 8.17
CA PHE E 87 -6.75 20.71 6.79
C PHE E 87 -5.31 21.19 6.79
N HIS E 88 -4.50 20.69 5.87
CA HIS E 88 -3.04 20.85 5.98
C HIS E 88 -2.50 22.23 5.49
N SER E 89 -3.36 23.04 4.89
CA SER E 89 -3.09 24.47 4.72
C SER E 89 -4.36 25.23 4.96
N VAL E 90 -4.23 26.54 5.10
CA VAL E 90 -5.40 27.40 5.25
C VAL E 90 -6.09 27.55 3.89
N ALA E 91 -5.30 27.55 2.81
CA ALA E 91 -5.86 27.49 1.44
C ALA E 91 -6.70 26.22 1.21
N ASP E 92 -6.26 25.10 1.80
CA ASP E 92 -7.01 23.84 1.76
C ASP E 92 -8.34 23.94 2.51
N PHE E 93 -8.38 24.65 3.64
CA PHE E 93 -9.63 24.90 4.38
C PHE E 93 -10.61 25.82 3.65
N LEU E 94 -10.09 26.83 2.96
CA LEU E 94 -10.96 27.78 2.25
C LEU E 94 -11.60 27.17 1.00
N ASN E 95 -10.85 26.35 0.26
CA ASN E 95 -11.40 25.62 -0.90
C ASN E 95 -12.51 24.67 -0.49
N PHE E 96 -12.41 24.12 0.73
CA PHE E 96 -13.46 23.24 1.29
C PHE E 96 -14.73 24.03 1.62
N PHE E 97 -14.65 25.07 2.44
CA PHE E 97 -15.85 25.79 2.88
C PHE E 97 -16.67 26.45 1.75
N TYR E 98 -16.03 26.68 0.59
CA TYR E 98 -16.75 27.15 -0.60
C TYR E 98 -16.93 26.11 -1.69
N SER E 99 -16.34 24.92 -1.54
CA SER E 99 -16.69 23.79 -2.40
C SER E 99 -18.18 23.50 -2.23
N PRO E 100 -18.87 23.11 -3.33
CA PRO E 100 -20.28 22.72 -3.27
C PRO E 100 -20.71 21.82 -2.08
N PRO E 101 -20.04 20.67 -1.83
CA PRO E 101 -20.52 19.79 -0.74
C PRO E 101 -20.66 20.46 0.63
N ALA E 102 -19.65 21.24 1.03
CA ALA E 102 -19.59 21.84 2.37
C ALA E 102 -20.56 23.00 2.56
N LEU E 103 -20.94 23.61 1.44
CA LEU E 103 -22.00 24.63 1.44
C LEU E 103 -23.35 24.00 1.67
N GLU E 104 -23.58 22.88 0.99
CA GLU E 104 -24.82 22.14 1.12
C GLU E 104 -24.97 21.48 2.49
N PHE E 105 -23.92 20.83 2.99
CA PHE E 105 -23.94 20.24 4.33
C PHE E 105 -24.21 21.27 5.46
N ALA E 106 -23.81 22.54 5.26
CA ALA E 106 -24.11 23.61 6.23
C ALA E 106 -25.62 23.91 6.35
N LYS E 107 -26.37 23.69 5.25
CA LYS E 107 -27.83 23.85 5.20
C LYS E 107 -28.58 22.69 5.88
N GLU E 108 -27.93 21.53 6.03
CA GLU E 108 -28.44 20.43 6.87
C GLU E 108 -28.11 20.59 8.37
N PHE E 109 -26.87 20.99 8.67
CA PHE E 109 -26.36 20.95 10.04
C PHE E 109 -26.79 22.14 10.91
N PHE E 110 -26.73 23.36 10.36
CA PHE E 110 -27.01 24.59 11.15
C PHE E 110 -28.49 24.84 11.45
N PRO E 111 -29.41 24.49 10.50
CA PRO E 111 -30.85 24.48 10.85
C PRO E 111 -31.23 23.40 11.88
N ALA E 112 -30.66 22.20 11.72
CA ALA E 112 -30.74 21.11 12.72
C ALA E 112 -30.18 21.54 14.08
N CYS E 113 -29.14 22.37 14.05
CA CYS E 113 -28.58 22.94 15.26
C CYS E 113 -29.55 23.86 15.96
N GLU E 114 -29.76 23.60 17.24
CA GLU E 114 -30.40 24.53 18.14
C GLU E 114 -29.29 25.41 18.72
N LYS E 115 -28.23 24.76 19.25
CA LYS E 115 -26.97 25.44 19.63
C LYS E 115 -25.86 25.16 18.61
N ILE E 116 -24.78 25.94 18.69
CA ILE E 116 -23.59 25.79 17.84
C ILE E 116 -22.48 26.75 18.29
N VAL E 117 -21.23 26.31 18.19
CA VAL E 117 -20.11 27.22 18.11
C VAL E 117 -18.93 26.53 17.44
N VAL E 118 -18.28 27.26 16.53
CA VAL E 118 -17.20 26.74 15.70
C VAL E 118 -15.98 27.63 15.85
N LEU E 119 -14.84 27.03 16.15
CA LEU E 119 -13.55 27.71 16.08
C LEU E 119 -12.69 27.07 15.01
N ASN E 120 -11.86 27.91 14.38
CA ASN E 120 -10.80 27.47 13.49
C ASN E 120 -9.55 28.18 13.94
N TYR E 121 -8.46 27.44 14.05
CA TYR E 121 -7.23 28.02 14.56
C TYR E 121 -6.04 27.24 14.08
N ILE E 122 -4.89 27.87 14.08
CA ILE E 122 -3.71 27.21 13.60
C ILE E 122 -3.10 26.50 14.78
N ILE E 123 -2.96 25.18 14.63
CA ILE E 123 -2.31 24.31 15.60
C ILE E 123 -0.99 24.95 16.05
N ASN E 124 -0.82 25.00 17.35
CA ASN E 124 0.31 25.61 17.98
C ASN E 124 0.60 24.68 19.16
N GLU E 125 1.87 24.33 19.37
CA GLU E 125 2.28 23.33 20.39
C GLU E 125 3.15 23.87 21.53
N THR E 126 3.88 24.97 21.31
CA THR E 126 4.79 25.53 22.31
C THR E 126 4.09 26.70 23.04
N PHE E 127 4.76 27.25 24.05
CA PHE E 127 4.20 28.30 24.88
C PHE E 127 4.35 29.66 24.18
N GLU F 23 -10.95 3.34 24.82
CA GLU F 23 -11.64 4.64 25.09
C GLU F 23 -10.65 5.80 25.16
N ILE F 24 -10.40 6.42 24.02
CA ILE F 24 -9.60 7.64 23.94
C ILE F 24 -10.55 8.84 24.11
N VAL F 25 -10.23 9.78 25.02
CA VAL F 25 -11.09 10.97 25.26
C VAL F 25 -10.37 12.32 25.02
N ARG F 26 -11.12 13.31 24.53
CA ARG F 26 -10.63 14.67 24.21
C ARG F 26 -11.19 15.70 25.20
N HIS F 27 -10.30 16.50 25.77
CA HIS F 27 -10.66 17.60 26.65
C HIS F 27 -10.42 18.86 25.83
N ILE F 28 -11.46 19.27 25.11
CA ILE F 28 -11.47 20.47 24.26
C ILE F 28 -12.10 21.64 25.02
N VAL F 29 -11.33 22.73 25.22
CA VAL F 29 -11.81 23.93 25.91
C VAL F 29 -11.84 25.12 24.94
N PHE F 30 -12.96 25.83 24.90
CA PHE F 30 -13.05 27.15 24.26
C PHE F 30 -13.19 28.22 25.34
N ASN F 31 -12.47 29.33 25.20
CA ASN F 31 -12.63 30.40 26.16
C ASN F 31 -12.49 31.79 25.51
N ARG F 32 -12.71 32.78 26.36
CA ARG F 32 -12.36 34.16 26.08
C ARG F 32 -11.79 34.69 27.36
N TYR F 33 -10.78 35.55 27.26
CA TYR F 33 -10.20 36.16 28.44
C TYR F 33 -10.97 37.43 28.79
N LYS F 34 -10.90 37.79 30.07
CA LYS F 34 -11.42 39.07 30.59
C LYS F 34 -10.63 40.20 29.99
N SER F 35 -11.29 41.11 29.26
CA SER F 35 -10.62 42.33 28.74
C SER F 35 -9.73 43.09 29.74
N GLN F 36 -9.92 42.89 31.05
CA GLN F 36 -9.01 43.42 32.05
C GLN F 36 -7.56 42.98 31.92
N LEU F 37 -7.32 41.85 31.26
CA LEU F 37 -5.96 41.23 31.16
C LEU F 37 -5.15 41.58 29.91
N SER F 38 -3.83 41.69 30.09
CA SER F 38 -2.89 41.92 28.99
C SER F 38 -2.55 40.63 28.18
N GLN F 39 -1.98 40.78 26.97
CA GLN F 39 -1.49 39.62 26.16
C GLN F 39 -0.38 38.90 26.86
N LYS F 40 0.51 39.69 27.50
CA LYS F 40 1.58 39.17 28.35
C LYS F 40 1.02 38.31 29.48
N GLN F 41 -0.05 38.78 30.13
CA GLN F 41 -0.76 37.97 31.14
C GLN F 41 -1.40 36.73 30.52
N ILE F 42 -2.13 36.91 29.43
CA ILE F 42 -2.69 35.75 28.73
C ILE F 42 -1.59 34.71 28.46
N ASP F 43 -0.49 35.16 27.85
CA ASP F 43 0.64 34.31 27.51
C ASP F 43 1.14 33.48 28.68
N GLN F 44 1.29 34.09 29.86
CA GLN F 44 1.75 33.35 31.06
C GLN F 44 0.75 32.28 31.52
N ILE F 45 -0.54 32.50 31.29
CA ILE F 45 -1.54 31.48 31.59
C ILE F 45 -1.39 30.33 30.61
N ILE F 46 -1.40 30.66 29.32
CA ILE F 46 -1.41 29.65 28.26
C ILE F 46 -0.18 28.71 28.40
N ALA F 47 0.94 29.29 28.78
CA ALA F 47 2.13 28.52 29.15
C ALA F 47 1.91 27.64 30.38
N ASP F 48 1.33 28.21 31.43
CA ASP F 48 0.97 27.44 32.64
C ASP F 48 -0.03 26.31 32.31
N TYR F 49 -0.93 26.54 31.36
CA TYR F 49 -1.78 25.46 30.84
C TYR F 49 -0.87 24.42 30.15
N GLY F 50 0.06 24.92 29.34
CA GLY F 50 1.08 24.14 28.63
C GLY F 50 2.00 23.24 29.45
N ASN F 51 2.68 23.75 30.50
CA ASN F 51 3.54 22.84 31.29
C ASN F 51 2.77 22.05 32.36
N LEU F 52 1.51 21.74 32.05
CA LEU F 52 0.69 20.84 32.85
C LEU F 52 0.85 19.44 32.24
N GLN F 53 0.99 19.40 30.93
CA GLN F 53 1.65 18.30 30.22
C GLN F 53 2.95 17.80 30.90
N ASN F 54 3.89 18.74 31.12
CA ASN F 54 5.23 18.44 31.71
C ASN F 54 5.25 17.93 33.16
N ILE F 55 4.21 18.18 33.96
CA ILE F 55 4.19 17.79 35.36
C ILE F 55 3.09 16.80 35.75
N ALA F 56 2.17 16.50 34.83
CA ALA F 56 1.18 15.42 35.01
C ALA F 56 1.11 14.54 33.74
N PRO F 57 1.42 13.24 33.87
CA PRO F 57 1.60 12.38 32.68
C PRO F 57 0.32 11.91 31.96
N GLU F 58 -0.84 12.18 32.55
CA GLU F 58 -2.13 11.75 32.01
C GLU F 58 -2.57 12.62 30.83
N MET F 59 -2.25 13.91 30.88
CA MET F 59 -2.52 14.84 29.77
C MET F 59 -1.50 14.59 28.68
N LYS F 60 -1.96 14.52 27.42
CA LYS F 60 -1.23 13.78 26.38
C LYS F 60 -0.92 14.44 25.03
N GLU F 61 -1.74 15.35 24.51
CA GLU F 61 -1.38 15.97 23.22
C GLU F 61 -1.75 17.45 23.12
N TRP F 62 -1.69 18.13 24.26
CA TRP F 62 -1.96 19.56 24.40
C TRP F 62 -1.62 20.43 23.20
N LYS F 63 -2.66 21.05 22.63
CA LYS F 63 -2.53 21.96 21.51
C LYS F 63 -3.49 23.15 21.73
N TRP F 64 -3.10 24.33 21.27
CA TRP F 64 -3.97 25.51 21.30
C TRP F 64 -3.86 26.35 20.04
N GLY F 65 -4.73 27.33 19.96
CA GLY F 65 -4.76 28.27 18.86
C GLY F 65 -5.82 29.33 19.15
N THR F 66 -5.80 30.39 18.36
CA THR F 66 -6.76 31.47 18.46
C THR F 66 -7.61 31.40 17.22
N ASP F 67 -8.87 31.78 17.34
CA ASP F 67 -9.78 31.71 16.22
C ASP F 67 -9.31 32.64 15.11
N LEU F 68 -9.49 32.23 13.86
CA LEU F 68 -8.90 32.95 12.71
C LEU F 68 -9.55 34.29 12.34
N GLY F 69 -10.50 34.75 13.17
CA GLY F 69 -11.05 36.08 13.09
C GLY F 69 -12.25 36.09 12.16
N PRO F 70 -13.04 37.19 12.19
CA PRO F 70 -14.30 37.34 11.42
C PRO F 70 -14.28 36.73 10.01
N ALA F 71 -13.17 36.93 9.30
CA ALA F 71 -13.06 36.67 7.87
C ALA F 71 -13.45 35.29 7.40
N VAL F 72 -12.98 34.29 8.11
CA VAL F 72 -12.98 32.94 7.57
C VAL F 72 -14.34 32.29 7.84
N GLU F 73 -14.75 32.31 9.11
CA GLU F 73 -16.07 31.89 9.55
C GLU F 73 -16.46 32.85 10.66
N ASP F 74 -17.75 33.13 10.80
CA ASP F 74 -18.22 34.10 11.79
C ASP F 74 -18.81 33.44 13.03
N ARG F 75 -18.77 32.10 13.09
CA ARG F 75 -19.63 31.33 13.98
C ARG F 75 -19.01 30.98 15.33
N ALA F 76 -18.27 31.93 15.92
CA ALA F 76 -17.48 31.66 17.11
C ALA F 76 -18.08 32.22 18.38
N ASP F 77 -19.24 32.87 18.30
CA ASP F 77 -19.89 33.52 19.46
C ASP F 77 -18.92 34.10 20.52
N GLY F 78 -17.85 34.76 20.06
CA GLY F 78 -16.94 35.46 20.96
C GLY F 78 -15.92 34.65 21.73
N PHE F 79 -15.70 33.39 21.31
CA PHE F 79 -14.57 32.61 21.82
C PHE F 79 -13.31 32.94 20.99
N THR F 80 -12.21 33.26 21.69
CA THR F 80 -10.95 33.70 21.08
C THR F 80 -9.95 32.52 20.94
N HIS F 81 -9.66 31.86 22.06
CA HIS F 81 -8.70 30.75 22.13
C HIS F 81 -9.33 29.38 22.41
N ALA F 82 -9.18 28.44 21.47
CA ALA F 82 -9.38 27.00 21.75
C ALA F 82 -8.15 26.29 22.37
N TYR F 83 -8.40 25.25 23.17
CA TYR F 83 -7.35 24.40 23.76
C TYR F 83 -7.71 22.90 23.69
N GLU F 84 -6.73 22.04 23.44
CA GLU F 84 -6.95 20.59 23.23
C GLU F 84 -6.05 19.68 24.06
N SER F 85 -6.64 18.74 24.78
CA SER F 85 -5.88 17.70 25.45
C SER F 85 -6.31 16.31 24.92
N THR F 86 -5.57 15.28 25.33
CA THR F 86 -5.96 13.89 25.11
C THR F 86 -5.72 13.11 26.39
N PHE F 87 -6.58 12.11 26.60
CA PHE F 87 -6.44 11.12 27.66
C PHE F 87 -6.76 9.77 27.06
N HIS F 88 -5.91 8.78 27.36
CA HIS F 88 -6.09 7.43 26.86
C HIS F 88 -7.18 6.70 27.64
N SER F 89 -7.66 7.29 28.74
CA SER F 89 -8.79 6.71 29.46
C SER F 89 -9.53 7.75 30.31
N VAL F 90 -10.79 7.46 30.58
CA VAL F 90 -11.59 8.28 31.49
C VAL F 90 -11.00 8.29 32.91
N ALA F 91 -10.36 7.17 33.29
CA ALA F 91 -9.74 7.07 34.63
C ALA F 91 -8.57 8.04 34.73
N ASP F 92 -7.68 8.02 33.73
CA ASP F 92 -6.62 9.02 33.60
C ASP F 92 -7.14 10.44 33.71
N PHE F 93 -8.20 10.75 32.96
CA PHE F 93 -8.78 12.08 33.08
C PHE F 93 -9.16 12.44 34.51
N LEU F 94 -9.82 11.52 35.20
CA LEU F 94 -10.32 11.82 36.53
C LEU F 94 -9.20 11.97 37.56
N ASN F 95 -8.21 11.09 37.50
CA ASN F 95 -7.03 11.18 38.37
C ASN F 95 -6.31 12.52 38.16
N PHE F 96 -6.22 12.96 36.90
CA PHE F 96 -5.68 14.29 36.52
C PHE F 96 -6.49 15.42 37.13
N PHE F 97 -7.78 15.49 36.79
CA PHE F 97 -8.67 16.56 37.25
C PHE F 97 -8.53 16.88 38.75
N TYR F 98 -8.38 15.86 39.60
CA TYR F 98 -8.37 16.05 41.08
C TYR F 98 -7.00 16.08 41.77
N SER F 99 -5.92 16.09 40.99
CA SER F 99 -4.56 16.19 41.53
C SER F 99 -4.24 17.64 41.92
N PRO F 100 -3.38 17.84 42.94
CA PRO F 100 -2.86 19.18 43.26
C PRO F 100 -2.49 20.13 42.09
N PRO F 101 -1.72 19.69 41.09
CA PRO F 101 -1.38 20.60 39.97
C PRO F 101 -2.54 21.01 39.04
N ALA F 102 -3.45 20.08 38.74
CA ALA F 102 -4.59 20.36 37.85
C ALA F 102 -5.56 21.35 38.48
N LEU F 103 -5.76 21.18 39.78
CA LEU F 103 -6.65 22.04 40.54
C LEU F 103 -6.03 23.42 40.70
N GLU F 104 -4.74 23.47 41.06
CA GLU F 104 -3.99 24.73 41.22
C GLU F 104 -4.15 25.65 39.99
N PHE F 105 -4.17 25.04 38.80
CA PHE F 105 -4.38 25.76 37.55
C PHE F 105 -5.83 26.27 37.31
N ALA F 106 -6.84 25.62 37.92
CA ALA F 106 -8.25 26.11 37.87
C ALA F 106 -8.44 27.48 38.56
N LYS F 107 -7.88 27.59 39.78
CA LYS F 107 -7.73 28.89 40.47
C LYS F 107 -7.17 29.98 39.53
N GLU F 108 -6.21 29.59 38.69
CA GLU F 108 -5.53 30.50 37.78
C GLU F 108 -6.28 30.78 36.46
N PHE F 109 -6.93 29.76 35.88
CA PHE F 109 -7.59 29.89 34.55
C PHE F 109 -9.01 30.46 34.63
N PHE F 110 -9.84 29.86 35.47
CA PHE F 110 -11.28 30.19 35.46
C PHE F 110 -11.61 31.65 35.87
N PRO F 111 -10.96 32.19 36.91
CA PRO F 111 -11.06 33.63 37.22
C PRO F 111 -10.40 34.61 36.24
N ALA F 112 -9.90 34.11 35.09
CA ALA F 112 -9.51 34.94 33.96
C ALA F 112 -10.36 34.67 32.70
N CYS F 113 -11.22 33.64 32.74
CA CYS F 113 -12.19 33.42 31.68
C CYS F 113 -13.36 34.37 31.84
N GLU F 114 -13.67 35.11 30.77
CA GLU F 114 -14.92 35.85 30.70
C GLU F 114 -15.99 34.92 30.15
N LYS F 115 -15.57 33.94 29.35
CA LYS F 115 -16.44 32.87 28.85
C LYS F 115 -15.70 31.52 28.88
N ILE F 116 -16.47 30.43 28.87
CA ILE F 116 -15.92 29.08 29.04
C ILE F 116 -16.91 27.94 28.78
N VAL F 117 -16.73 27.28 27.64
CA VAL F 117 -17.32 25.95 27.39
C VAL F 117 -16.17 24.91 27.48
N VAL F 118 -16.51 23.70 27.96
CA VAL F 118 -15.56 22.60 28.08
C VAL F 118 -16.28 21.31 27.74
N LEU F 119 -15.98 20.68 26.62
CA LEU F 119 -16.49 19.33 26.38
C LEU F 119 -15.43 18.28 26.69
N ASN F 120 -15.88 17.20 27.31
CA ASN F 120 -15.13 15.97 27.45
C ASN F 120 -15.89 14.90 26.66
N TYR F 121 -15.18 14.12 25.85
CA TYR F 121 -15.84 13.13 25.01
C TYR F 121 -14.91 12.03 24.51
N ILE F 122 -15.46 10.84 24.32
CA ILE F 122 -14.74 9.74 23.69
C ILE F 122 -14.83 9.84 22.18
N ILE F 123 -13.74 9.50 21.49
CA ILE F 123 -13.61 9.69 20.05
C ILE F 123 -14.52 8.68 19.29
N ASN F 124 -14.82 8.96 18.01
CA ASN F 124 -15.50 8.02 17.07
C ASN F 124 -15.03 8.22 15.60
N GLU F 125 -15.63 7.48 14.67
CA GLU F 125 -15.50 7.75 13.22
C GLU F 125 -16.81 7.45 12.46
N PRO G 22 0.71 14.14 -12.43
CA PRO G 22 1.94 13.46 -12.82
C PRO G 22 1.90 12.88 -14.29
N GLU G 23 2.02 13.77 -15.29
CA GLU G 23 1.55 13.53 -16.69
C GLU G 23 2.53 13.85 -17.88
N ILE G 24 2.85 15.15 -18.09
CA ILE G 24 3.44 15.74 -19.34
C ILE G 24 4.98 15.69 -19.44
N VAL G 25 5.53 15.05 -20.49
CA VAL G 25 6.99 14.86 -20.54
C VAL G 25 7.73 15.92 -21.32
N ARG G 26 8.96 16.18 -20.88
CA ARG G 26 9.83 17.17 -21.48
C ARG G 26 11.14 16.55 -21.89
N HIS G 27 11.49 16.75 -23.17
CA HIS G 27 12.68 16.17 -23.83
C HIS G 27 13.62 17.33 -24.12
N ILE G 28 14.70 17.43 -23.35
CA ILE G 28 15.69 18.51 -23.50
C ILE G 28 17.06 17.92 -23.74
N VAL G 29 17.67 18.34 -24.84
CA VAL G 29 18.94 17.83 -25.30
C VAL G 29 19.89 18.98 -25.31
N PHE G 30 21.11 18.78 -24.84
CA PHE G 30 22.20 19.72 -25.06
C PHE G 30 23.25 18.96 -25.86
N ASN G 31 23.84 19.59 -26.87
CA ASN G 31 24.94 18.97 -27.52
C ASN G 31 26.06 19.91 -27.94
N ARG G 32 27.11 19.30 -28.47
CA ARG G 32 28.16 20.00 -29.20
C ARG G 32 28.45 19.21 -30.44
N TYR G 33 28.76 19.89 -31.54
CA TYR G 33 29.07 19.20 -32.79
C TYR G 33 30.55 18.87 -32.85
N LYS G 34 30.84 17.70 -33.42
CA LYS G 34 32.21 17.33 -33.82
C LYS G 34 32.75 18.38 -34.82
N SER G 35 34.01 18.79 -34.68
CA SER G 35 34.62 19.79 -35.58
C SER G 35 34.68 19.39 -37.08
N GLN G 36 34.63 18.10 -37.38
CA GLN G 36 34.48 17.61 -38.77
C GLN G 36 33.46 18.46 -39.52
N LEU G 37 32.30 18.67 -38.89
CA LEU G 37 31.12 19.29 -39.51
C LEU G 37 31.20 20.82 -39.69
N SER G 38 30.77 21.28 -40.85
CA SER G 38 30.70 22.71 -41.15
C SER G 38 29.31 23.21 -40.74
N GLN G 39 29.12 24.52 -40.75
CA GLN G 39 27.80 25.07 -40.50
C GLN G 39 26.71 24.53 -41.43
N LYS G 40 27.05 24.17 -42.66
CA LYS G 40 26.04 23.69 -43.63
C LYS G 40 25.45 22.34 -43.19
N GLN G 41 26.33 21.44 -42.77
CA GLN G 41 25.89 20.15 -42.21
C GLN G 41 25.19 20.30 -40.84
N ILE G 42 25.62 21.30 -40.05
CA ILE G 42 24.98 21.64 -38.75
C ILE G 42 23.58 22.19 -38.98
N ASP G 43 23.48 23.21 -39.82
CA ASP G 43 22.18 23.73 -40.27
C ASP G 43 21.30 22.59 -40.76
N GLN G 44 21.87 21.69 -41.58
CA GLN G 44 21.10 20.58 -42.16
C GLN G 44 20.47 19.73 -41.05
N ILE G 45 21.28 19.41 -40.05
CA ILE G 45 20.83 18.64 -38.89
C ILE G 45 19.75 19.37 -38.09
N ILE G 46 20.01 20.63 -37.71
CA ILE G 46 19.03 21.40 -36.95
C ILE G 46 17.68 21.31 -37.68
N ALA G 47 17.67 21.54 -39.01
CA ALA G 47 16.43 21.50 -39.82
C ALA G 47 15.78 20.12 -39.88
N ASP G 48 16.55 19.06 -40.03
CA ASP G 48 15.98 17.73 -39.90
C ASP G 48 15.35 17.47 -38.52
N TYR G 49 15.95 18.02 -37.43
CA TYR G 49 15.41 17.94 -36.04
C TYR G 49 14.04 18.58 -35.98
N GLY G 50 13.94 19.80 -36.50
CA GLY G 50 12.63 20.44 -36.68
C GLY G 50 11.67 19.71 -37.65
N ASN G 51 12.22 19.09 -38.68
CA ASN G 51 11.39 18.36 -39.62
C ASN G 51 10.73 17.14 -38.94
N LEU G 52 11.49 16.49 -38.04
CA LEU G 52 10.94 15.44 -37.18
C LEU G 52 9.66 15.80 -36.42
N GLN G 53 9.51 17.08 -36.07
CA GLN G 53 8.25 17.54 -35.45
C GLN G 53 7.08 17.46 -36.47
N ASN G 54 7.36 17.81 -37.73
CA ASN G 54 6.36 17.78 -38.80
C ASN G 54 5.95 16.34 -39.16
N ILE G 55 6.88 15.37 -39.17
CA ILE G 55 6.53 13.96 -39.41
C ILE G 55 6.11 13.15 -38.16
N ALA G 56 6.17 13.71 -36.95
CA ALA G 56 5.74 12.96 -35.72
C ALA G 56 4.80 13.76 -34.82
N PRO G 57 3.50 13.39 -34.76
CA PRO G 57 2.60 14.20 -33.96
C PRO G 57 2.81 14.09 -32.45
N GLU G 58 3.61 13.13 -32.02
CA GLU G 58 3.90 12.99 -30.60
C GLU G 58 4.86 14.11 -30.05
N MET G 59 5.68 14.71 -30.94
CA MET G 59 6.71 15.72 -30.61
C MET G 59 6.14 17.10 -30.83
N LYS G 60 5.99 17.87 -29.76
CA LYS G 60 4.99 18.89 -29.78
C LYS G 60 5.51 20.32 -29.88
N GLU G 61 6.49 20.74 -29.09
CA GLU G 61 6.73 22.21 -29.03
C GLU G 61 8.19 22.60 -29.21
N TRP G 62 8.68 22.34 -30.40
CA TRP G 62 10.08 22.31 -30.64
C TRP G 62 10.64 23.71 -30.65
N LYS G 63 11.70 23.87 -29.88
CA LYS G 63 12.47 25.08 -29.83
C LYS G 63 13.94 24.66 -29.78
N TRP G 64 14.80 25.59 -30.04
CA TRP G 64 16.23 25.30 -29.98
C TRP G 64 16.93 26.62 -29.93
N GLY G 65 18.22 26.54 -29.67
CA GLY G 65 19.03 27.76 -29.63
C GLY G 65 20.47 27.45 -29.36
N THR G 66 21.27 28.50 -29.44
CA THR G 66 22.69 28.44 -29.10
C THR G 66 22.97 29.20 -27.82
N ASP G 67 23.85 28.62 -26.99
CA ASP G 67 24.26 29.19 -25.71
C ASP G 67 24.73 30.58 -25.93
N LEU G 68 24.37 31.50 -25.03
CA LEU G 68 24.68 32.93 -25.20
C LEU G 68 26.13 33.29 -25.04
N GLY G 69 27.01 32.36 -24.69
CA GLY G 69 28.46 32.60 -24.72
C GLY G 69 28.97 32.98 -23.33
N PRO G 70 30.25 32.64 -23.01
CA PRO G 70 30.84 32.97 -21.69
C PRO G 70 30.55 34.41 -21.24
N ALA G 71 30.65 35.35 -22.18
CA ALA G 71 30.16 36.74 -22.09
C ALA G 71 28.99 36.98 -21.10
N VAL G 72 28.01 36.09 -21.15
CA VAL G 72 26.77 36.24 -20.42
C VAL G 72 26.60 35.21 -19.29
N GLU G 73 27.61 34.33 -19.10
CA GLU G 73 27.59 33.18 -18.15
C GLU G 73 28.36 31.99 -18.71
N ASP G 74 29.15 31.33 -17.87
CA ASP G 74 30.12 30.35 -18.33
C ASP G 74 30.04 29.03 -17.54
N ARG G 75 28.93 28.33 -17.68
CA ARG G 75 28.75 27.04 -17.03
C ARG G 75 28.24 26.00 -18.00
N ALA G 76 28.37 26.25 -19.30
CA ALA G 76 27.84 25.31 -20.31
C ALA G 76 28.76 24.10 -20.57
N ASP G 77 30.00 24.13 -20.08
CA ASP G 77 30.91 22.97 -20.18
C ASP G 77 31.12 22.52 -21.62
N GLY G 78 31.20 23.48 -22.54
CA GLY G 78 31.44 23.13 -23.93
C GLY G 78 30.25 22.63 -24.73
N PHE G 79 29.05 22.61 -24.13
CA PHE G 79 27.83 22.37 -24.88
C PHE G 79 27.48 23.70 -25.52
N THR G 80 26.94 23.66 -26.74
CA THR G 80 26.65 24.88 -27.54
C THR G 80 25.18 25.06 -27.96
N HIS G 81 24.45 23.97 -28.07
CA HIS G 81 23.12 23.99 -28.64
C HIS G 81 22.17 23.31 -27.64
N ALA G 82 21.01 23.94 -27.39
CA ALA G 82 19.91 23.30 -26.66
C ALA G 82 18.71 23.10 -27.61
N TYR G 83 17.92 22.07 -27.36
CA TYR G 83 16.71 21.74 -28.11
C TYR G 83 15.64 21.22 -27.16
N GLU G 84 14.49 21.88 -27.10
CA GLU G 84 13.36 21.36 -26.31
C GLU G 84 12.24 20.76 -27.19
N SER G 85 11.57 19.76 -26.66
CA SER G 85 10.36 19.27 -27.24
C SER G 85 9.46 18.63 -26.18
N THR G 86 8.20 19.05 -26.09
CA THR G 86 7.22 18.45 -25.17
C THR G 86 6.55 17.19 -25.76
N PHE G 87 6.12 16.29 -24.91
CA PHE G 87 5.31 15.14 -25.23
C PHE G 87 4.16 15.08 -24.22
N HIS G 88 3.09 14.32 -24.47
CA HIS G 88 1.89 14.38 -23.58
C HIS G 88 1.81 13.20 -22.59
N SER G 89 2.63 12.18 -22.80
CA SER G 89 2.66 11.00 -21.95
C SER G 89 3.99 10.31 -22.24
N VAL G 90 4.45 9.47 -21.33
CA VAL G 90 5.64 8.67 -21.58
C VAL G 90 5.38 7.66 -22.70
N ALA G 91 4.11 7.21 -22.83
CA ALA G 91 3.72 6.26 -23.90
C ALA G 91 3.84 6.92 -25.28
N ASP G 92 3.24 8.11 -25.42
CA ASP G 92 3.49 8.96 -26.60
C ASP G 92 4.99 9.01 -26.92
N PHE G 93 5.81 9.34 -25.92
CA PHE G 93 7.23 9.47 -26.12
C PHE G 93 7.83 8.18 -26.64
N LEU G 94 7.46 7.05 -26.06
CA LEU G 94 8.11 5.77 -26.42
C LEU G 94 7.64 5.24 -27.75
N ASN G 95 6.37 5.50 -28.09
CA ASN G 95 5.89 5.20 -29.46
C ASN G 95 6.63 6.07 -30.44
N PHE G 96 6.67 7.40 -30.20
CA PHE G 96 7.59 8.28 -30.93
C PHE G 96 9.04 7.80 -31.01
N PHE G 97 9.67 7.45 -29.88
CA PHE G 97 11.11 7.07 -29.82
C PHE G 97 11.45 5.95 -30.79
N TYR G 98 10.57 4.95 -30.85
CA TYR G 98 10.74 3.76 -31.69
C TYR G 98 10.11 3.84 -33.11
N SER G 99 9.19 4.78 -33.32
CA SER G 99 8.63 5.07 -34.65
C SER G 99 9.74 5.55 -35.59
N PRO G 100 9.94 4.89 -36.78
CA PRO G 100 11.21 5.07 -37.53
C PRO G 100 11.60 6.47 -38.05
N PRO G 101 10.66 7.45 -38.14
CA PRO G 101 11.16 8.83 -38.23
C PRO G 101 12.15 9.23 -37.10
N ALA G 102 11.74 9.01 -35.86
CA ALA G 102 12.60 9.32 -34.70
C ALA G 102 13.84 8.44 -34.59
N LEU G 103 13.76 7.20 -35.10
CA LEU G 103 14.94 6.32 -35.15
C LEU G 103 15.90 6.69 -36.27
N GLU G 104 15.37 7.17 -37.39
CA GLU G 104 16.19 7.68 -38.49
C GLU G 104 17.01 8.88 -38.00
N PHE G 105 16.32 9.89 -37.45
CA PHE G 105 16.99 11.13 -37.00
C PHE G 105 18.09 10.89 -35.96
N ALA G 106 17.94 9.87 -35.12
CA ALA G 106 18.97 9.52 -34.14
C ALA G 106 20.26 8.97 -34.78
N LYS G 107 20.11 8.31 -35.93
CA LYS G 107 21.25 7.88 -36.76
C LYS G 107 21.93 9.10 -37.38
N GLU G 108 21.14 10.11 -37.71
CA GLU G 108 21.70 11.39 -38.19
C GLU G 108 22.36 12.26 -37.11
N PHE G 109 21.81 12.28 -35.90
CA PHE G 109 22.14 13.31 -34.88
C PHE G 109 23.31 12.89 -34.02
N PHE G 110 23.19 11.73 -33.37
CA PHE G 110 24.15 11.32 -32.35
C PHE G 110 25.58 11.05 -32.84
N PRO G 111 25.71 10.45 -34.05
CA PRO G 111 27.04 10.37 -34.65
C PRO G 111 27.68 11.74 -34.94
N ALA G 112 26.83 12.76 -35.13
CA ALA G 112 27.28 14.15 -35.29
C ALA G 112 27.72 14.90 -34.02
N CYS G 113 27.57 14.34 -32.82
CA CYS G 113 27.82 15.10 -31.56
C CYS G 113 29.18 14.86 -30.93
N GLU G 114 29.96 15.89 -30.67
CA GLU G 114 31.15 15.68 -29.83
C GLU G 114 30.77 15.40 -28.38
N LYS G 115 29.77 16.14 -27.87
CA LYS G 115 29.13 15.91 -26.56
C LYS G 115 27.61 15.76 -26.66
N ILE G 116 27.02 15.08 -25.66
CA ILE G 116 25.58 14.84 -25.69
C ILE G 116 25.04 14.51 -24.33
N VAL G 117 24.03 15.23 -23.90
CA VAL G 117 23.30 14.87 -22.71
C VAL G 117 21.83 15.07 -23.03
N VAL G 118 20.99 14.18 -22.48
CA VAL G 118 19.55 14.18 -22.72
C VAL G 118 18.78 13.85 -21.44
N LEU G 119 17.88 14.73 -21.04
CA LEU G 119 16.97 14.44 -19.93
C LEU G 119 15.54 14.38 -20.42
N ASN G 120 14.83 13.35 -19.95
CA ASN G 120 13.42 13.13 -20.20
C ASN G 120 12.73 13.18 -18.83
N TYR G 121 11.94 14.22 -18.54
CA TYR G 121 11.30 14.35 -17.22
C TYR G 121 9.86 14.84 -17.30
N ILE G 122 9.10 14.53 -16.25
CA ILE G 122 7.76 15.03 -16.07
C ILE G 122 7.84 16.42 -15.48
N ILE G 123 7.15 17.32 -16.17
CA ILE G 123 7.02 18.72 -15.80
C ILE G 123 6.34 18.82 -14.46
N ASN G 124 6.96 19.56 -13.55
CA ASN G 124 6.47 19.77 -12.20
C ASN G 124 6.54 21.29 -11.96
N GLU G 125 5.54 21.83 -11.26
CA GLU G 125 5.49 23.27 -10.90
C GLU G 125 5.27 23.40 -9.37
N THR G 126 6.18 22.82 -8.58
CA THR G 126 6.23 22.95 -7.10
C THR G 126 7.58 23.44 -6.60
N PRO H 22 9.06 39.18 -29.86
CA PRO H 22 10.31 39.55 -29.22
C PRO H 22 11.29 38.36 -29.13
N GLU H 23 12.42 38.55 -28.45
CA GLU H 23 13.47 37.55 -28.35
C GLU H 23 13.56 37.01 -26.93
N ILE H 24 12.93 35.87 -26.69
CA ILE H 24 12.86 35.30 -25.34
C ILE H 24 14.01 34.34 -25.03
N VAL H 25 14.57 34.48 -23.83
CA VAL H 25 15.67 33.61 -23.43
C VAL H 25 15.18 32.51 -22.49
N ARG H 26 15.65 31.31 -22.76
CA ARG H 26 15.36 30.13 -21.98
C ARG H 26 16.64 29.79 -21.16
N HIS H 27 16.48 29.60 -19.87
CA HIS H 27 17.59 29.28 -18.95
C HIS H 27 17.39 27.87 -18.43
N ILE H 28 18.12 26.91 -18.97
CA ILE H 28 17.98 25.50 -18.59
C ILE H 28 19.21 25.07 -17.81
N VAL H 29 18.97 24.38 -16.69
CA VAL H 29 19.97 23.79 -15.86
C VAL H 29 19.71 22.29 -15.72
N PHE H 30 20.73 21.48 -15.98
CA PHE H 30 20.74 20.12 -15.48
C PHE H 30 21.73 19.98 -14.28
N ASN H 31 21.47 19.06 -13.36
CA ASN H 31 22.37 18.82 -12.23
C ASN H 31 22.16 17.48 -11.58
N ARG H 32 23.19 17.05 -10.86
CA ARG H 32 23.14 15.92 -9.94
C ARG H 32 23.41 16.46 -8.57
N TYR H 33 22.64 16.06 -7.58
CA TYR H 33 22.94 16.42 -6.20
C TYR H 33 24.05 15.52 -5.65
N LYS H 34 24.89 16.11 -4.79
CA LYS H 34 25.94 15.36 -4.15
C LYS H 34 25.32 14.24 -3.30
N SER H 35 25.97 13.09 -3.25
CA SER H 35 25.40 11.95 -2.49
C SER H 35 25.28 12.07 -0.96
N GLN H 36 25.82 13.12 -0.34
CA GLN H 36 25.73 13.32 1.12
C GLN H 36 24.50 14.08 1.52
N LEU H 37 23.86 14.73 0.53
CA LEU H 37 22.63 15.46 0.79
C LEU H 37 21.49 14.50 0.96
N SER H 38 20.56 14.86 1.83
CA SER H 38 19.38 14.07 2.06
C SER H 38 18.26 14.55 1.15
N GLN H 39 17.20 13.75 1.06
CA GLN H 39 16.04 14.18 0.34
C GLN H 39 15.57 15.49 0.97
N LYS H 40 15.32 15.51 2.27
CA LYS H 40 14.88 16.74 2.96
C LYS H 40 15.73 17.97 2.51
N GLN H 41 17.05 17.85 2.49
CA GLN H 41 17.90 18.99 2.13
C GLN H 41 17.70 19.40 0.65
N ILE H 42 17.49 18.39 -0.22
CA ILE H 42 17.23 18.57 -1.68
C ILE H 42 15.89 19.29 -1.89
N ASP H 43 14.84 18.79 -1.28
CA ASP H 43 13.53 19.42 -1.32
C ASP H 43 13.55 20.89 -0.85
N GLN H 44 14.41 21.16 0.13
CA GLN H 44 14.58 22.50 0.62
C GLN H 44 15.15 23.35 -0.53
N ILE H 45 16.17 22.82 -1.20
CA ILE H 45 16.80 23.54 -2.31
C ILE H 45 15.86 23.80 -3.50
N ILE H 46 15.10 22.78 -3.93
CA ILE H 46 14.16 22.92 -5.07
C ILE H 46 13.14 24.01 -4.73
N ALA H 47 12.53 23.89 -3.56
CA ALA H 47 11.51 24.82 -3.11
C ALA H 47 12.06 26.23 -2.99
N ASP H 48 13.33 26.38 -2.67
CA ASP H 48 13.95 27.69 -2.74
C ASP H 48 14.05 28.24 -4.17
N TYR H 49 14.32 27.34 -5.13
CA TYR H 49 14.39 27.68 -6.57
C TYR H 49 13.01 28.22 -6.97
N GLY H 50 11.97 27.41 -6.74
CA GLY H 50 10.58 27.76 -7.05
C GLY H 50 10.08 29.10 -6.49
N ASN H 51 10.61 29.45 -5.32
CA ASN H 51 10.29 30.67 -4.65
C ASN H 51 11.07 31.84 -5.29
N LEU H 52 12.26 31.57 -5.86
CA LEU H 52 13.08 32.62 -6.55
C LEU H 52 12.29 33.46 -7.51
N GLN H 53 11.41 32.80 -8.27
CA GLN H 53 10.35 33.40 -9.09
C GLN H 53 9.54 34.49 -8.41
N ASN H 54 9.31 34.36 -7.10
CA ASN H 54 8.55 35.36 -6.34
C ASN H 54 9.37 36.54 -5.75
N ILE H 55 10.70 36.57 -5.89
CA ILE H 55 11.46 37.81 -5.59
C ILE H 55 12.42 38.28 -6.70
N ALA H 56 12.40 37.63 -7.87
CA ALA H 56 12.93 38.23 -9.10
C ALA H 56 11.79 38.32 -10.14
N PRO H 57 11.39 39.56 -10.51
CA PRO H 57 10.27 39.64 -11.47
C PRO H 57 10.62 39.01 -12.84
N GLU H 58 11.82 39.32 -13.32
CA GLU H 58 12.36 38.79 -14.59
C GLU H 58 12.10 37.28 -14.81
N MET H 59 12.33 36.46 -13.78
CA MET H 59 12.12 35.01 -13.94
C MET H 59 10.65 34.74 -14.13
N LYS H 60 10.30 33.93 -15.11
CA LYS H 60 8.89 33.88 -15.57
C LYS H 60 8.15 32.58 -15.74
N GLU H 61 8.74 31.47 -16.12
CA GLU H 61 7.87 30.26 -16.29
C GLU H 61 8.54 29.07 -15.71
N TRP H 62 9.06 29.24 -14.50
CA TRP H 62 9.85 28.21 -13.84
C TRP H 62 9.13 26.86 -13.78
N LYS H 63 9.73 25.83 -14.37
CA LYS H 63 9.29 24.47 -14.14
C LYS H 63 10.53 23.62 -13.83
N TRP H 64 10.33 22.38 -13.36
CA TRP H 64 11.41 21.43 -13.03
C TRP H 64 10.89 19.98 -13.04
N GLY H 65 11.80 19.02 -13.00
CA GLY H 65 11.41 17.63 -12.75
C GLY H 65 12.63 16.73 -12.82
N THR H 66 12.45 15.47 -12.43
CA THR H 66 13.49 14.48 -12.48
C THR H 66 13.44 13.57 -13.72
N ASP H 67 14.60 13.37 -14.35
CA ASP H 67 14.79 12.37 -15.36
C ASP H 67 14.11 11.06 -14.99
N LEU H 68 13.57 10.42 -16.01
CA LEU H 68 12.78 9.23 -15.88
C LEU H 68 13.65 7.97 -15.99
N GLY H 69 14.93 8.15 -16.27
CA GLY H 69 15.89 7.07 -16.17
C GLY H 69 16.11 6.30 -17.45
N PRO H 70 17.05 5.36 -17.42
CA PRO H 70 17.45 4.59 -18.62
C PRO H 70 16.42 3.54 -19.08
N ALA H 71 15.36 3.35 -18.30
CA ALA H 71 14.15 2.71 -18.79
C ALA H 71 13.70 3.45 -20.04
N VAL H 72 13.50 4.75 -19.87
CA VAL H 72 12.97 5.60 -20.92
C VAL H 72 14.01 5.85 -21.97
N GLU H 73 15.18 6.27 -21.54
CA GLU H 73 16.22 6.65 -22.47
C GLU H 73 17.50 6.82 -21.67
N ASP H 74 18.60 6.21 -22.08
CA ASP H 74 19.81 6.24 -21.28
C ASP H 74 20.94 7.17 -21.79
N ARG H 75 20.62 8.43 -22.15
CA ARG H 75 21.69 9.42 -22.46
C ARG H 75 21.77 10.61 -21.48
N ALA H 76 21.39 10.35 -20.22
CA ALA H 76 21.34 11.40 -19.21
C ALA H 76 22.66 11.65 -18.50
N ASP H 77 23.66 10.79 -18.71
CA ASP H 77 25.04 10.96 -18.21
C ASP H 77 25.25 11.20 -16.69
N GLY H 78 24.47 10.56 -15.83
CA GLY H 78 24.50 10.91 -14.41
C GLY H 78 23.57 12.06 -14.00
N PHE H 79 23.22 12.99 -14.94
CA PHE H 79 22.31 14.09 -14.62
C PHE H 79 20.94 13.57 -14.24
N THR H 80 20.37 14.09 -13.16
CA THR H 80 19.10 13.57 -12.56
C THR H 80 17.94 14.57 -12.51
N HIS H 81 18.27 15.86 -12.59
CA HIS H 81 17.29 16.90 -12.38
C HIS H 81 17.43 17.95 -13.44
N ALA H 82 16.34 18.62 -13.73
CA ALA H 82 16.34 19.74 -14.66
C ALA H 82 15.39 20.83 -14.13
N TYR H 83 15.70 22.08 -14.50
CA TYR H 83 14.93 23.27 -14.09
C TYR H 83 14.94 24.23 -15.28
N GLU H 84 13.78 24.60 -15.82
CA GLU H 84 13.73 25.64 -16.88
C GLU H 84 13.11 26.95 -16.41
N SER H 85 13.76 28.07 -16.71
CA SER H 85 13.21 29.41 -16.46
C SER H 85 13.04 30.10 -17.81
N THR H 86 12.16 31.09 -17.87
CA THR H 86 11.99 31.89 -19.07
C THR H 86 12.24 33.33 -18.74
N PHE H 87 12.77 34.08 -19.71
CA PHE H 87 12.91 35.53 -19.58
C PHE H 87 12.52 36.11 -20.92
N HIS H 88 11.97 37.32 -20.88
CA HIS H 88 11.35 37.89 -22.07
C HIS H 88 12.33 38.73 -22.91
N SER H 89 13.44 39.16 -22.29
CA SER H 89 14.54 39.80 -22.99
C SER H 89 15.92 39.35 -22.47
N VAL H 90 16.93 39.50 -23.33
CA VAL H 90 18.33 39.37 -22.94
C VAL H 90 18.71 40.27 -21.75
N ALA H 91 18.14 41.47 -21.66
CA ALA H 91 18.49 42.43 -20.57
C ALA H 91 17.77 42.13 -19.26
N ASP H 92 16.52 41.69 -19.33
CA ASP H 92 15.82 41.11 -18.18
C ASP H 92 16.68 40.02 -17.54
N PHE H 93 17.06 39.03 -18.35
CA PHE H 93 17.88 37.91 -17.90
C PHE H 93 19.22 38.33 -17.26
N LEU H 94 19.92 39.33 -17.81
CA LEU H 94 21.14 39.87 -17.16
C LEU H 94 20.91 40.54 -15.80
N ASN H 95 19.75 41.16 -15.64
CA ASN H 95 19.37 41.76 -14.37
C ASN H 95 18.75 40.79 -13.42
N PHE H 96 18.37 39.61 -13.92
CA PHE H 96 18.13 38.48 -13.06
C PHE H 96 19.45 37.98 -12.51
N PHE H 97 20.40 37.78 -13.41
CA PHE H 97 21.63 37.03 -13.16
C PHE H 97 22.57 37.64 -12.13
N TYR H 98 22.73 38.95 -12.23
CA TYR H 98 23.55 39.72 -11.29
C TYR H 98 22.72 40.38 -10.15
N SER H 99 21.44 40.02 -9.98
CA SER H 99 20.65 40.54 -8.85
C SER H 99 20.97 39.75 -7.58
N PRO H 100 20.77 40.37 -6.39
CA PRO H 100 21.14 39.69 -5.13
C PRO H 100 20.47 38.33 -4.87
N PRO H 101 19.13 38.22 -5.05
CA PRO H 101 18.53 36.89 -4.86
C PRO H 101 19.20 35.80 -5.72
N ALA H 102 19.46 36.11 -6.98
CA ALA H 102 19.99 35.14 -7.93
C ALA H 102 21.41 34.73 -7.63
N LEU H 103 22.22 35.68 -7.18
CA LEU H 103 23.61 35.38 -6.78
C LEU H 103 23.60 34.63 -5.48
N GLU H 104 22.61 34.94 -4.64
CA GLU H 104 22.40 34.23 -3.41
C GLU H 104 21.92 32.79 -3.58
N PHE H 105 21.00 32.53 -4.51
CA PHE H 105 20.58 31.14 -4.81
C PHE H 105 21.70 30.36 -5.48
N ALA H 106 22.44 31.02 -6.37
CA ALA H 106 23.63 30.41 -7.00
C ALA H 106 24.63 29.83 -5.98
N LYS H 107 24.88 30.58 -4.90
CA LYS H 107 25.71 30.11 -3.77
C LYS H 107 25.06 28.97 -2.91
N GLU H 108 23.79 29.07 -2.55
CA GLU H 108 23.01 27.91 -2.02
C GLU H 108 23.14 26.61 -2.89
N PHE H 109 23.00 26.76 -4.23
CA PHE H 109 22.75 25.66 -5.20
C PHE H 109 23.97 24.99 -5.78
N PHE H 110 24.91 25.78 -6.28
CA PHE H 110 26.04 25.22 -6.99
C PHE H 110 26.86 24.28 -6.11
N PRO H 111 27.02 24.62 -4.82
CA PRO H 111 27.68 23.70 -3.89
C PRO H 111 26.95 22.38 -3.60
N ALA H 112 25.61 22.32 -3.80
CA ALA H 112 24.86 21.05 -3.74
C ALA H 112 25.19 20.03 -4.87
N CYS H 113 25.85 20.50 -5.95
CA CYS H 113 25.92 19.71 -7.19
C CYS H 113 27.14 18.84 -7.28
N GLU H 114 26.96 17.55 -7.57
CA GLU H 114 28.07 16.79 -8.07
C GLU H 114 28.33 17.12 -9.54
N LYS H 115 27.27 17.37 -10.30
CA LYS H 115 27.37 17.79 -11.70
C LYS H 115 26.43 18.97 -11.95
N ILE H 116 26.81 19.81 -12.90
CA ILE H 116 26.02 20.95 -13.30
C ILE H 116 26.34 21.33 -14.77
N VAL H 117 25.32 21.75 -15.50
CA VAL H 117 25.53 22.39 -16.81
C VAL H 117 24.39 23.38 -17.07
N VAL H 118 24.75 24.58 -17.52
CA VAL H 118 23.76 25.64 -17.80
C VAL H 118 23.96 26.28 -19.18
N LEU H 119 22.96 26.06 -20.03
CA LEU H 119 22.85 26.75 -21.27
C LEU H 119 21.79 27.79 -21.10
N ASN H 120 22.09 29.00 -21.59
CA ASN H 120 21.09 30.03 -21.81
C ASN H 120 21.03 30.29 -23.30
N TYR H 121 19.84 30.35 -23.86
CA TYR H 121 19.66 30.63 -25.28
C TYR H 121 18.40 31.42 -25.63
N ILE H 122 18.51 32.16 -26.73
CA ILE H 122 17.38 32.83 -27.34
C ILE H 122 16.55 31.79 -28.09
N ILE H 123 15.24 31.75 -27.81
CA ILE H 123 14.33 30.78 -28.45
C ILE H 123 14.26 31.02 -29.96
N ASN H 124 14.24 29.92 -30.69
CA ASN H 124 14.24 29.92 -32.11
C ASN H 124 13.39 28.68 -32.49
N GLU H 125 12.22 28.91 -33.11
CA GLU H 125 11.32 27.83 -33.65
C GLU H 125 11.53 27.58 -35.16
N THR H 126 12.29 28.46 -35.80
CA THR H 126 12.56 28.44 -37.25
C THR H 126 13.59 27.35 -37.64
N PHE H 127 13.61 27.02 -38.93
CA PHE H 127 14.53 26.03 -39.52
C PHE H 127 15.64 26.82 -40.20
N PRO H 128 16.91 26.64 -39.76
CA PRO H 128 18.03 27.58 -39.92
C PRO H 128 18.30 28.08 -41.34
N PRO I 22 18.19 -5.46 -23.26
CA PRO I 22 19.05 -5.75 -22.09
C PRO I 22 18.41 -5.52 -20.70
N GLU I 23 17.36 -4.68 -20.59
CA GLU I 23 16.74 -4.26 -19.31
C GLU I 23 15.40 -4.95 -18.99
N ILE I 24 15.43 -5.98 -18.15
CA ILE I 24 14.24 -6.64 -17.59
C ILE I 24 13.49 -5.69 -16.65
N VAL I 25 12.15 -5.64 -16.70
CA VAL I 25 11.28 -4.86 -15.75
C VAL I 25 10.30 -5.76 -15.02
N ARG I 26 9.94 -5.35 -13.81
CA ARG I 26 9.17 -6.17 -12.89
C ARG I 26 7.87 -5.45 -12.54
N HIS I 27 6.79 -6.19 -12.63
CA HIS I 27 5.50 -5.70 -12.24
C HIS I 27 5.17 -6.50 -10.99
N ILE I 28 5.14 -5.86 -9.81
CA ILE I 28 4.89 -6.58 -8.55
C ILE I 28 3.70 -5.92 -7.89
N VAL I 29 2.71 -6.75 -7.59
CA VAL I 29 1.45 -6.30 -7.07
C VAL I 29 1.17 -6.93 -5.69
N PHE I 30 0.86 -6.10 -4.72
CA PHE I 30 0.29 -6.61 -3.47
C PHE I 30 -1.12 -6.11 -3.45
N ASN I 31 -2.04 -6.93 -2.99
CA ASN I 31 -3.38 -6.45 -2.75
C ASN I 31 -3.97 -7.23 -1.61
N ARG I 32 -5.07 -6.69 -1.12
CA ARG I 32 -6.05 -7.38 -0.29
C ARG I 32 -7.41 -7.19 -0.94
N TYR I 33 -8.16 -8.27 -1.07
CA TYR I 33 -9.52 -8.21 -1.61
C TYR I 33 -10.56 -7.65 -0.62
N LYS I 34 -11.62 -7.07 -1.19
CA LYS I 34 -12.74 -6.58 -0.39
C LYS I 34 -13.46 -7.77 0.22
N SER I 35 -14.05 -7.54 1.39
CA SER I 35 -14.70 -8.61 2.14
C SER I 35 -16.03 -9.04 1.53
N GLN I 36 -16.65 -8.16 0.75
CA GLN I 36 -17.86 -8.48 -0.03
C GLN I 36 -17.63 -9.65 -0.98
N LEU I 37 -16.43 -9.77 -1.55
CA LEU I 37 -16.13 -10.85 -2.46
C LEU I 37 -16.01 -12.15 -1.76
N SER I 38 -16.25 -13.22 -2.52
CA SER I 38 -16.12 -14.60 -2.03
C SER I 38 -14.87 -15.21 -2.61
N GLN I 39 -14.44 -16.29 -1.98
CA GLN I 39 -13.25 -16.99 -2.43
C GLN I 39 -13.50 -17.52 -3.83
N LYS I 40 -14.74 -17.87 -4.13
CA LYS I 40 -15.10 -18.30 -5.48
C LYS I 40 -14.74 -17.19 -6.49
N GLN I 41 -15.22 -15.99 -6.21
CA GLN I 41 -14.92 -14.79 -7.00
C GLN I 41 -13.43 -14.38 -7.02
N ILE I 42 -12.71 -14.56 -5.91
CA ILE I 42 -11.28 -14.28 -5.88
C ILE I 42 -10.55 -15.32 -6.73
N ASP I 43 -10.84 -16.59 -6.51
CA ASP I 43 -10.22 -17.64 -7.32
C ASP I 43 -10.31 -17.27 -8.82
N GLN I 44 -11.53 -16.94 -9.27
CA GLN I 44 -11.86 -16.53 -10.65
C GLN I 44 -11.01 -15.32 -11.16
N ILE I 45 -10.91 -14.30 -10.31
CA ILE I 45 -10.03 -13.15 -10.58
C ILE I 45 -8.55 -13.57 -10.64
N ILE I 46 -8.10 -14.45 -9.73
CA ILE I 46 -6.69 -14.87 -9.76
C ILE I 46 -6.47 -15.51 -11.14
N ALA I 47 -7.34 -16.45 -11.51
CA ALA I 47 -7.33 -17.07 -12.85
C ALA I 47 -7.31 -16.08 -14.07
N ASP I 48 -8.14 -15.05 -14.06
CA ASP I 48 -8.11 -14.06 -15.12
C ASP I 48 -6.76 -13.31 -15.25
N TYR I 49 -6.22 -12.83 -14.12
CA TYR I 49 -4.89 -12.18 -14.06
C TYR I 49 -3.94 -13.11 -14.75
N GLY I 50 -3.98 -14.38 -14.35
CA GLY I 50 -3.02 -15.36 -14.81
C GLY I 50 -3.08 -15.72 -16.27
N ASN I 51 -4.26 -15.67 -16.90
CA ASN I 51 -4.31 -15.95 -18.33
C ASN I 51 -4.40 -14.66 -19.19
N LEU I 52 -4.10 -13.54 -18.54
CA LEU I 52 -3.61 -12.33 -19.22
C LEU I 52 -2.23 -12.60 -19.81
N GLN I 53 -1.48 -13.47 -19.16
CA GLN I 53 -0.16 -13.93 -19.61
C GLN I 53 -0.25 -14.58 -20.96
N ASN I 54 -1.29 -15.39 -21.17
CA ASN I 54 -1.52 -16.03 -22.47
C ASN I 54 -1.73 -15.01 -23.58
N ILE I 55 -2.79 -14.22 -23.45
CA ILE I 55 -3.23 -13.33 -24.53
C ILE I 55 -2.29 -12.11 -24.79
N ALA I 56 -1.37 -11.82 -23.88
CA ALA I 56 -0.34 -10.80 -24.08
C ALA I 56 1.07 -11.44 -24.12
N PRO I 57 1.77 -11.35 -25.27
CA PRO I 57 3.15 -11.87 -25.26
C PRO I 57 4.13 -11.01 -24.43
N GLU I 58 3.72 -9.79 -24.08
CA GLU I 58 4.54 -8.89 -23.25
C GLU I 58 4.76 -9.41 -21.79
N MET I 59 3.69 -9.96 -21.20
CA MET I 59 3.69 -10.49 -19.81
C MET I 59 4.27 -11.92 -19.76
N LYS I 60 5.49 -12.09 -19.19
CA LYS I 60 6.31 -13.31 -19.42
C LYS I 60 6.76 -14.25 -18.27
N GLU I 61 6.45 -14.01 -16.99
CA GLU I 61 6.74 -15.08 -15.98
C GLU I 61 5.74 -15.19 -14.81
N TRP I 62 4.45 -15.00 -15.09
CA TRP I 62 3.46 -14.83 -14.03
C TRP I 62 3.44 -15.91 -12.94
N LYS I 63 3.82 -15.49 -11.73
CA LYS I 63 3.73 -16.25 -10.49
C LYS I 63 2.81 -15.48 -9.58
N TRP I 64 2.33 -16.12 -8.52
CA TRP I 64 1.53 -15.46 -7.46
C TRP I 64 1.46 -16.28 -6.17
N GLY I 65 0.88 -15.70 -5.14
CA GLY I 65 0.77 -16.38 -3.86
C GLY I 65 0.11 -15.56 -2.78
N THR I 66 -0.22 -16.26 -1.70
CA THR I 66 -0.73 -15.65 -0.48
C THR I 66 0.37 -15.51 0.56
N ASP I 67 0.39 -14.37 1.21
CA ASP I 67 1.25 -14.17 2.34
C ASP I 67 1.01 -15.25 3.40
N LEU I 68 2.13 -15.65 4.03
CA LEU I 68 2.20 -16.74 4.99
C LEU I 68 1.72 -16.37 6.41
N GLY I 69 1.46 -15.09 6.65
CA GLY I 69 0.91 -14.63 7.92
C GLY I 69 1.98 -14.49 8.97
N PRO I 70 1.57 -14.19 10.19
CA PRO I 70 2.49 -13.81 11.25
C PRO I 70 3.34 -14.95 11.80
N ALA I 71 2.91 -16.18 11.56
CA ALA I 71 3.75 -17.35 11.85
C ALA I 71 5.18 -17.06 11.45
N VAL I 72 5.35 -16.54 10.25
CA VAL I 72 6.66 -16.38 9.66
C VAL I 72 7.26 -15.02 10.00
N GLU I 73 6.48 -13.99 9.71
CA GLU I 73 6.89 -12.60 9.87
C GLU I 73 5.60 -11.74 9.74
N ASP I 74 5.48 -10.66 10.49
CA ASP I 74 4.20 -9.94 10.58
C ASP I 74 4.30 -8.52 10.13
N ARG I 75 4.73 -8.32 8.89
CA ARG I 75 4.86 -6.97 8.30
C ARG I 75 4.04 -6.71 7.02
N ALA I 76 3.06 -7.58 6.73
CA ALA I 76 2.25 -7.46 5.50
C ALA I 76 1.25 -6.29 5.45
N ASP I 77 0.95 -5.69 6.60
CA ASP I 77 0.05 -4.55 6.68
C ASP I 77 -1.36 -4.81 6.13
N GLY I 78 -1.81 -6.04 6.26
CA GLY I 78 -3.12 -6.41 5.76
C GLY I 78 -3.16 -6.89 4.31
N PHE I 79 -2.06 -6.81 3.56
CA PHE I 79 -2.10 -7.28 2.18
C PHE I 79 -2.09 -8.78 2.26
N THR I 80 -2.93 -9.45 1.46
CA THR I 80 -3.02 -10.91 1.51
C THR I 80 -2.40 -11.58 0.33
N HIS I 81 -2.23 -10.82 -0.75
CA HIS I 81 -1.96 -11.44 -2.01
C HIS I 81 -0.89 -10.68 -2.78
N ALA I 82 0.02 -11.44 -3.41
CA ALA I 82 1.14 -10.88 -4.18
C ALA I 82 1.20 -11.57 -5.53
N TYR I 83 1.54 -10.80 -6.56
CA TYR I 83 1.61 -11.30 -7.94
C TYR I 83 2.77 -10.66 -8.69
N GLU I 84 3.64 -11.48 -9.29
CA GLU I 84 4.74 -10.99 -10.09
C GLU I 84 4.48 -11.30 -11.55
N SER I 85 4.74 -10.34 -12.42
CA SER I 85 4.88 -10.60 -13.85
C SER I 85 6.13 -9.88 -14.29
N THR I 86 6.62 -10.23 -15.46
CA THR I 86 7.89 -9.72 -15.97
C THR I 86 7.74 -9.27 -17.41
N PHE I 87 8.48 -8.23 -17.78
CA PHE I 87 8.42 -7.63 -19.08
C PHE I 87 9.82 -7.38 -19.63
N HIS I 88 9.98 -7.49 -20.96
CA HIS I 88 11.34 -7.36 -21.52
CA HIS I 88 11.26 -7.32 -21.71
C HIS I 88 11.80 -5.88 -21.68
N SER I 89 10.89 -4.90 -21.55
CA SER I 89 11.20 -3.46 -21.63
C SER I 89 10.04 -2.58 -21.15
N VAL I 90 10.34 -1.35 -20.74
CA VAL I 90 9.31 -0.39 -20.31
C VAL I 90 8.27 -0.10 -21.42
N ALA I 91 8.72 -0.07 -22.67
CA ALA I 91 7.82 0.10 -23.82
C ALA I 91 6.91 -1.12 -24.01
N ASP I 92 7.48 -2.33 -23.95
CA ASP I 92 6.67 -3.57 -23.95
C ASP I 92 5.63 -3.53 -22.83
N PHE I 93 6.02 -3.08 -21.64
CA PHE I 93 5.07 -2.97 -20.53
C PHE I 93 3.92 -2.02 -20.85
N LEU I 94 4.18 -0.88 -21.47
CA LEU I 94 3.11 0.09 -21.78
C LEU I 94 2.26 -0.32 -23.02
N ASN I 95 2.84 -1.13 -23.92
CA ASN I 95 2.06 -1.84 -24.96
C ASN I 95 1.02 -2.78 -24.32
N PHE I 96 1.48 -3.60 -23.37
CA PHE I 96 0.57 -4.42 -22.57
C PHE I 96 -0.45 -3.55 -21.81
N PHE I 97 0.02 -2.48 -21.16
CA PHE I 97 -0.76 -1.72 -20.16
C PHE I 97 -1.97 -1.07 -20.78
N TYR I 98 -1.78 -0.43 -21.94
CA TYR I 98 -2.89 0.16 -22.74
C TYR I 98 -3.63 -0.80 -23.66
N SER I 99 -3.22 -2.06 -23.75
CA SER I 99 -3.98 -3.07 -24.47
C SER I 99 -5.38 -3.21 -23.82
N PRO I 100 -6.47 -3.30 -24.66
CA PRO I 100 -7.85 -3.50 -24.18
C PRO I 100 -8.06 -4.63 -23.20
N PRO I 101 -7.38 -5.79 -23.34
CA PRO I 101 -7.60 -6.78 -22.29
C PRO I 101 -6.97 -6.38 -20.92
N ALA I 102 -5.73 -5.87 -20.91
CA ALA I 102 -5.08 -5.38 -19.67
C ALA I 102 -5.90 -4.29 -18.98
N LEU I 103 -6.54 -3.41 -19.77
CA LEU I 103 -7.42 -2.35 -19.23
C LEU I 103 -8.78 -2.85 -18.80
N GLU I 104 -9.22 -3.96 -19.38
CA GLU I 104 -10.44 -4.64 -18.94
C GLU I 104 -10.15 -5.24 -17.57
N PHE I 105 -9.04 -5.96 -17.45
CA PHE I 105 -8.64 -6.57 -16.18
C PHE I 105 -8.57 -5.49 -15.10
N ALA I 106 -7.86 -4.38 -15.36
CA ALA I 106 -7.88 -3.20 -14.46
C ALA I 106 -9.30 -2.79 -13.92
N LYS I 107 -10.35 -2.89 -14.75
CA LYS I 107 -11.77 -2.62 -14.31
C LYS I 107 -12.44 -3.79 -13.59
N GLU I 108 -11.84 -4.98 -13.67
CA GLU I 108 -12.17 -6.15 -12.81
C GLU I 108 -11.34 -6.12 -11.47
N PHE I 109 -10.05 -5.83 -11.55
CA PHE I 109 -9.13 -6.11 -10.44
C PHE I 109 -9.18 -5.04 -9.37
N PHE I 110 -8.99 -3.81 -9.79
CA PHE I 110 -8.86 -2.73 -8.87
C PHE I 110 -10.15 -2.49 -8.10
N PRO I 111 -11.32 -2.49 -8.76
CA PRO I 111 -12.54 -2.42 -7.92
C PRO I 111 -12.67 -3.56 -6.88
N ALA I 112 -12.11 -4.73 -7.14
CA ALA I 112 -12.19 -5.82 -6.17
C ALA I 112 -11.31 -5.58 -4.89
N CYS I 113 -10.24 -4.79 -5.04
CA CYS I 113 -9.22 -4.54 -4.01
C CYS I 113 -9.68 -3.65 -2.84
N GLU I 114 -9.50 -4.10 -1.59
CA GLU I 114 -9.62 -3.21 -0.43
C GLU I 114 -8.37 -2.40 -0.23
N LYS I 115 -7.23 -2.99 -0.54
CA LYS I 115 -5.93 -2.34 -0.51
C LYS I 115 -5.23 -2.73 -1.80
N ILE I 116 -4.47 -1.80 -2.37
CA ILE I 116 -3.74 -2.06 -3.59
C ILE I 116 -2.41 -1.33 -3.54
N VAL I 117 -1.34 -2.00 -3.90
CA VAL I 117 -0.09 -1.31 -4.17
C VAL I 117 0.65 -2.08 -5.23
N VAL I 118 1.33 -1.32 -6.10
CA VAL I 118 1.94 -1.81 -7.33
C VAL I 118 3.19 -0.98 -7.60
N LEU I 119 4.26 -1.67 -7.98
CA LEU I 119 5.51 -1.04 -8.36
C LEU I 119 6.09 -1.69 -9.59
N ASN I 120 6.64 -0.85 -10.46
CA ASN I 120 7.29 -1.27 -11.69
C ASN I 120 8.71 -0.79 -11.66
N TYR I 121 9.65 -1.72 -11.68
CA TYR I 121 11.07 -1.35 -11.59
C TYR I 121 11.92 -2.31 -12.45
N ILE I 122 13.05 -1.77 -12.91
CA ILE I 122 14.01 -2.49 -13.69
C ILE I 122 14.79 -3.26 -12.67
N ILE I 123 15.08 -4.52 -13.01
CA ILE I 123 15.88 -5.39 -12.15
C ILE I 123 17.27 -4.85 -12.22
N ASN I 124 17.92 -4.84 -11.06
CA ASN I 124 19.29 -4.43 -10.85
C ASN I 124 19.76 -5.51 -9.86
N GLU I 125 20.81 -6.29 -10.18
CA GLU I 125 21.33 -7.34 -9.24
C GLU I 125 22.77 -7.05 -8.74
N THR I 126 23.03 -5.76 -8.47
CA THR I 126 24.34 -5.24 -8.05
C THR I 126 24.24 -4.37 -6.78
N PHE I 127 25.35 -4.29 -6.04
CA PHE I 127 25.54 -3.29 -4.98
C PHE I 127 25.58 -1.91 -5.69
N PRO I 128 24.87 -0.88 -5.17
CA PRO I 128 24.82 0.41 -5.88
C PRO I 128 26.15 1.17 -5.84
N PRO J 21 5.84 -31.91 -4.09
CA PRO J 21 6.02 -30.61 -4.75
C PRO J 21 7.08 -29.75 -4.05
N PRO J 22 8.00 -29.12 -4.83
CA PRO J 22 8.81 -28.01 -4.27
C PRO J 22 7.96 -26.83 -3.72
N GLU J 23 8.24 -26.41 -2.48
CA GLU J 23 7.56 -25.27 -1.87
C GLU J 23 8.54 -24.10 -1.73
N ILE J 24 8.72 -23.36 -2.83
CA ILE J 24 9.69 -22.28 -2.95
C ILE J 24 9.07 -21.00 -2.46
N VAL J 25 9.75 -20.32 -1.53
CA VAL J 25 9.20 -19.05 -0.99
C VAL J 25 9.90 -17.78 -1.50
N ARG J 26 9.07 -16.78 -1.61
CA ARG J 26 9.40 -15.52 -2.23
C ARG J 26 9.28 -14.49 -1.11
N HIS J 27 10.30 -13.65 -0.97
CA HIS J 27 10.36 -12.60 0.05
C HIS J 27 10.46 -11.31 -0.71
N ILE J 28 9.38 -10.52 -0.72
CA ILE J 28 9.34 -9.29 -1.49
C ILE J 28 9.08 -8.17 -0.53
N VAL J 29 9.89 -7.14 -0.64
CA VAL J 29 9.78 -5.99 0.22
C VAL J 29 9.61 -4.80 -0.68
N PHE J 30 8.67 -3.93 -0.32
CA PHE J 30 8.62 -2.59 -0.86
C PHE J 30 8.85 -1.61 0.26
N ASN J 31 9.58 -0.54 -0.01
CA ASN J 31 9.78 0.50 1.01
C ASN J 31 10.01 1.86 0.37
N ARG J 32 9.87 2.87 1.22
CA ARG J 32 10.33 4.23 0.99
C ARG J 32 11.33 4.58 2.11
N TYR J 33 12.47 5.14 1.75
CA TYR J 33 13.40 5.68 2.71
C TYR J 33 12.88 6.96 3.37
N LYS J 34 13.30 7.20 4.62
CA LYS J 34 12.98 8.44 5.35
C LYS J 34 13.78 9.61 4.79
N SER J 35 13.15 10.81 4.77
CA SER J 35 13.73 12.01 4.09
C SER J 35 15.09 12.46 4.57
N GLN J 36 15.31 12.32 5.87
CA GLN J 36 16.61 12.56 6.52
C GLN J 36 17.82 11.77 5.97
N LEU J 37 17.62 10.58 5.39
CA LEU J 37 18.80 9.83 4.89
C LEU J 37 19.39 10.46 3.64
N SER J 38 20.69 10.37 3.49
CA SER J 38 21.35 10.80 2.27
C SER J 38 21.26 9.65 1.28
N GLN J 39 21.66 9.92 0.04
CA GLN J 39 21.94 8.86 -0.94
C GLN J 39 23.10 7.92 -0.50
N LYS J 40 24.20 8.50 -0.01
CA LYS J 40 25.33 7.76 0.58
C LYS J 40 24.82 6.68 1.57
N GLN J 41 24.00 7.09 2.51
CA GLN J 41 23.38 6.19 3.45
C GLN J 41 22.48 5.14 2.80
N ILE J 42 21.52 5.57 1.98
CA ILE J 42 20.62 4.66 1.26
C ILE J 42 21.41 3.63 0.49
N ASP J 43 22.37 4.08 -0.30
CA ASP J 43 23.25 3.16 -1.02
C ASP J 43 23.86 2.14 -0.10
N GLN J 44 24.44 2.62 1.02
CA GLN J 44 25.09 1.79 2.01
C GLN J 44 24.13 0.67 2.42
N ILE J 45 22.96 1.07 2.94
CA ILE J 45 21.90 0.13 3.33
C ILE J 45 21.58 -0.88 2.22
N ILE J 46 21.36 -0.42 0.95
CA ILE J 46 21.11 -1.36 -0.15
C ILE J 46 22.24 -2.41 -0.25
N ALA J 47 23.50 -1.97 -0.17
CA ALA J 47 24.66 -2.92 -0.18
C ALA J 47 24.62 -3.92 0.95
N ASP J 48 24.27 -3.49 2.15
CA ASP J 48 24.25 -4.42 3.28
C ASP J 48 23.19 -5.47 3.08
N TYR J 49 22.03 -5.05 2.56
CA TYR J 49 20.96 -5.96 2.13
C TYR J 49 21.57 -6.91 1.13
N GLY J 50 22.30 -6.32 0.17
CA GLY J 50 23.06 -7.03 -0.85
C GLY J 50 23.90 -8.15 -0.33
N ASN J 51 24.78 -7.88 0.66
CA ASN J 51 25.69 -8.94 1.13
C ASN J 51 25.10 -9.93 2.15
N LEU J 52 23.81 -9.84 2.39
CA LEU J 52 23.07 -10.82 3.16
C LEU J 52 23.07 -12.15 2.41
N GLN J 53 22.97 -12.09 1.08
CA GLN J 53 23.13 -13.29 0.24
C GLN J 53 24.52 -13.94 0.46
N ASN J 54 25.52 -13.10 0.62
CA ASN J 54 26.89 -13.57 0.85
C ASN J 54 27.10 -14.22 2.21
N ILE J 55 26.63 -13.61 3.30
CA ILE J 55 26.85 -14.21 4.62
C ILE J 55 25.68 -15.07 5.10
N ALA J 56 24.75 -15.43 4.21
CA ALA J 56 23.66 -16.35 4.56
C ALA J 56 23.18 -17.14 3.33
N PRO J 57 23.58 -18.41 3.22
CA PRO J 57 23.37 -19.14 1.97
C PRO J 57 21.92 -19.55 1.67
N GLU J 58 20.98 -19.25 2.57
CA GLU J 58 19.59 -19.64 2.39
C GLU J 58 18.83 -18.67 1.44
N MET J 59 19.23 -17.40 1.46
CA MET J 59 18.65 -16.35 0.61
C MET J 59 19.37 -16.45 -0.72
N LYS J 60 18.63 -16.53 -1.83
CA LYS J 60 19.17 -17.07 -3.09
C LYS J 60 18.96 -16.37 -4.45
N GLU J 61 18.20 -15.29 -4.56
CA GLU J 61 18.05 -14.69 -5.89
C GLU J 61 17.91 -13.19 -5.78
N TRP J 62 18.75 -12.58 -4.97
CA TRP J 62 18.57 -11.21 -4.55
C TRP J 62 18.53 -10.28 -5.78
N LYS J 63 17.47 -9.48 -5.85
CA LYS J 63 17.30 -8.45 -6.89
C LYS J 63 16.63 -7.26 -6.23
N TRP J 64 16.91 -6.07 -6.76
CA TRP J 64 16.25 -4.87 -6.28
C TRP J 64 16.15 -3.84 -7.40
N GLY J 65 15.36 -2.80 -7.19
CA GLY J 65 15.34 -1.65 -8.11
C GLY J 65 14.35 -0.63 -7.63
N THR J 66 14.29 0.51 -8.32
CA THR J 66 13.41 1.63 -7.93
C THR J 66 12.21 1.80 -8.88
N ASP J 67 11.04 2.06 -8.30
CA ASP J 67 9.81 2.32 -9.04
C ASP J 67 10.00 3.40 -10.07
N LEU J 68 9.27 3.25 -11.17
CA LEU J 68 9.45 4.11 -12.35
C LEU J 68 8.56 5.30 -12.31
N GLY J 69 7.68 5.34 -11.32
CA GLY J 69 6.84 6.49 -11.11
C GLY J 69 5.63 6.61 -12.05
N PRO J 70 4.86 7.70 -11.84
CA PRO J 70 3.52 7.90 -12.40
C PRO J 70 3.41 7.98 -13.93
N ALA J 71 4.45 8.42 -14.63
CA ALA J 71 4.41 8.32 -16.09
C ALA J 71 4.12 6.91 -16.52
N VAL J 72 4.74 5.93 -15.89
CA VAL J 72 4.51 4.51 -16.22
C VAL J 72 3.21 3.97 -15.58
N GLU J 73 3.11 4.14 -14.27
CA GLU J 73 1.93 3.74 -13.49
C GLU J 73 1.99 4.39 -12.13
N ASP J 74 0.82 4.73 -11.64
CA ASP J 74 0.64 5.60 -10.49
C ASP J 74 -0.25 4.92 -9.47
N ARG J 75 0.12 3.68 -9.13
CA ARG J 75 -0.40 3.03 -7.90
C ARG J 75 0.76 2.53 -6.95
N ALA J 76 1.95 3.16 -7.06
CA ALA J 76 3.05 2.90 -6.10
C ALA J 76 2.75 3.34 -4.67
N ASP J 77 1.87 4.33 -4.51
CA ASP J 77 1.47 4.83 -3.19
C ASP J 77 2.66 5.40 -2.37
N GLY J 78 3.57 6.07 -3.04
CA GLY J 78 4.71 6.62 -2.33
C GLY J 78 5.82 5.63 -2.02
N PHE J 79 5.62 4.34 -2.33
CA PHE J 79 6.72 3.37 -2.26
C PHE J 79 7.72 3.62 -3.42
N THR J 80 9.02 3.47 -3.15
CA THR J 80 10.05 3.79 -4.16
C THR J 80 11.05 2.67 -4.45
N HIS J 81 11.04 1.60 -3.68
CA HIS J 81 12.14 0.63 -3.79
C HIS J 81 11.54 -0.71 -3.49
N ALA J 82 12.16 -1.73 -4.08
CA ALA J 82 11.60 -3.06 -4.16
C ALA J 82 12.76 -4.03 -4.03
N TYR J 83 12.63 -5.05 -3.20
CA TYR J 83 13.71 -6.00 -2.99
C TYR J 83 13.09 -7.38 -2.97
N GLU J 84 13.69 -8.31 -3.71
CA GLU J 84 13.21 -9.69 -3.86
C GLU J 84 14.34 -10.62 -3.49
N SER J 85 13.99 -11.70 -2.79
CA SER J 85 14.89 -12.79 -2.41
C SER J 85 14.10 -14.08 -2.51
N THR J 86 14.79 -15.19 -2.81
CA THR J 86 14.18 -16.51 -2.93
C THR J 86 14.76 -17.54 -1.92
N PHE J 87 13.88 -18.35 -1.35
CA PHE J 87 14.25 -19.39 -0.42
C PHE J 87 13.68 -20.71 -0.92
N HIS J 88 14.54 -21.72 -0.99
CA HIS J 88 14.15 -23.02 -1.59
C HIS J 88 13.12 -23.80 -0.75
N SER J 89 12.98 -23.43 0.52
CA SER J 89 11.93 -23.99 1.34
C SER J 89 11.54 -23.02 2.42
N VAL J 90 10.44 -23.35 3.07
CA VAL J 90 9.91 -22.53 4.12
C VAL J 90 10.82 -22.57 5.36
N ALA J 91 11.41 -23.74 5.59
CA ALA J 91 12.36 -23.95 6.65
C ALA J 91 13.63 -23.13 6.42
N ASP J 92 14.08 -23.03 5.18
CA ASP J 92 15.23 -22.18 4.84
C ASP J 92 14.97 -20.72 5.18
N PHE J 93 13.74 -20.27 4.94
CA PHE J 93 13.40 -18.90 5.25
C PHE J 93 13.40 -18.64 6.76
N LEU J 94 12.84 -19.56 7.53
CA LEU J 94 12.85 -19.37 8.99
C LEU J 94 14.25 -19.31 9.58
N ASN J 95 15.21 -20.13 9.11
CA ASN J 95 16.60 -20.07 9.63
C ASN J 95 17.29 -18.76 9.33
N PHE J 96 17.07 -18.33 8.10
CA PHE J 96 17.55 -17.06 7.67
C PHE J 96 17.02 -15.96 8.56
N PHE J 97 15.69 -15.89 8.68
CA PHE J 97 14.99 -14.81 9.40
C PHE J 97 15.42 -14.64 10.85
N TYR J 98 15.76 -15.76 11.48
CA TYR J 98 16.15 -15.80 12.89
C TYR J 98 17.68 -15.95 13.11
N SER J 99 18.48 -15.88 12.05
CA SER J 99 19.94 -15.88 12.18
C SER J 99 20.36 -14.48 12.58
N PRO J 100 21.48 -14.32 13.32
CA PRO J 100 21.94 -12.97 13.67
C PRO J 100 22.20 -12.02 12.52
N PRO J 101 22.61 -12.52 11.33
CA PRO J 101 22.80 -11.53 10.25
C PRO J 101 21.50 -10.85 9.77
N ALA J 102 20.40 -11.60 9.75
CA ALA J 102 19.09 -11.04 9.39
C ALA J 102 18.54 -10.08 10.44
N LEU J 103 18.74 -10.41 11.71
CA LEU J 103 18.40 -9.53 12.85
C LEU J 103 19.30 -8.27 12.94
N GLU J 104 20.60 -8.39 12.66
CA GLU J 104 21.47 -7.22 12.60
CA GLU J 104 21.45 -7.22 12.61
C GLU J 104 20.92 -6.31 11.52
N PHE J 105 20.65 -6.86 10.34
CA PHE J 105 20.24 -6.02 9.19
C PHE J 105 18.87 -5.40 9.39
N ALA J 106 18.00 -6.10 10.09
CA ALA J 106 16.74 -5.57 10.44
C ALA J 106 16.85 -4.27 11.20
N LYS J 107 17.86 -4.08 12.06
CA LYS J 107 17.97 -2.84 12.87
C LYS J 107 18.49 -1.67 12.07
N GLU J 108 19.10 -1.97 10.94
CA GLU J 108 19.63 -0.98 10.03
C GLU J 108 18.48 -0.54 9.11
N PHE J 109 17.82 -1.51 8.47
CA PHE J 109 16.83 -1.29 7.41
C PHE J 109 15.47 -0.78 7.88
N PHE J 110 14.79 -1.54 8.73
CA PHE J 110 13.47 -1.15 9.11
C PHE J 110 13.37 0.29 9.59
N PRO J 111 14.29 0.75 10.46
CA PRO J 111 14.12 2.14 10.90
C PRO J 111 14.42 3.23 9.84
N ALA J 112 15.15 2.91 8.77
CA ALA J 112 15.23 3.80 7.63
C ALA J 112 13.94 3.84 6.75
N CYS J 113 13.00 2.93 6.96
CA CYS J 113 11.78 2.96 6.20
C CYS J 113 10.83 4.05 6.69
N GLU J 114 10.30 4.89 5.81
CA GLU J 114 9.14 5.74 6.15
C GLU J 114 7.84 5.01 5.89
N LYS J 115 7.81 4.17 4.88
CA LYS J 115 6.71 3.24 4.64
C LYS J 115 7.35 1.88 4.37
N ILE J 116 6.67 0.79 4.77
CA ILE J 116 7.25 -0.56 4.63
C ILE J 116 6.19 -1.68 4.48
N VAL J 117 6.43 -2.62 3.60
CA VAL J 117 5.51 -3.73 3.43
C VAL J 117 6.30 -4.95 2.92
N VAL J 118 6.16 -6.07 3.62
CA VAL J 118 6.87 -7.27 3.30
C VAL J 118 5.83 -8.37 3.18
N LEU J 119 5.92 -9.14 2.10
CA LEU J 119 5.14 -10.36 1.94
C LEU J 119 6.11 -11.51 1.74
N ASN J 120 5.74 -12.64 2.32
CA ASN J 120 6.41 -13.89 2.16
C ASN J 120 5.41 -14.86 1.75
N TYR J 121 5.65 -15.51 0.62
CA TYR J 121 4.65 -16.43 0.06
C TYR J 121 5.28 -17.63 -0.69
N ILE J 122 4.66 -18.80 -0.58
CA ILE J 122 5.01 -19.94 -1.42
C ILE J 122 4.46 -19.71 -2.83
N ILE J 123 5.36 -19.80 -3.82
CA ILE J 123 5.04 -19.67 -5.26
C ILE J 123 4.02 -20.70 -5.73
N ASN J 124 2.91 -20.25 -6.29
CA ASN J 124 2.04 -21.07 -7.12
C ASN J 124 2.07 -20.54 -8.60
N GLU J 125 2.68 -21.29 -9.52
CA GLU J 125 2.72 -20.88 -10.95
C GLU J 125 1.36 -20.99 -11.63
N THR J 126 0.68 -22.12 -11.37
CA THR J 126 -0.63 -22.45 -11.97
C THR J 126 -1.77 -21.53 -11.46
N PHE J 127 -2.85 -21.48 -12.23
CA PHE J 127 -4.03 -20.64 -11.91
C PHE J 127 -4.76 -21.38 -10.77
N PRO J 128 -5.34 -20.65 -9.79
CA PRO J 128 -5.67 -21.12 -8.42
C PRO J 128 -5.37 -22.60 -8.09
N PRO K 22 -15.40 -32.28 39.79
CA PRO K 22 -15.53 -31.51 38.54
C PRO K 22 -15.26 -32.31 37.23
N GLU K 23 -16.28 -32.43 36.37
CA GLU K 23 -16.14 -33.05 35.03
C GLU K 23 -16.30 -31.93 34.00
N ILE K 24 -15.17 -31.44 33.48
CA ILE K 24 -15.17 -30.32 32.52
C ILE K 24 -15.00 -30.85 31.09
N VAL K 25 -15.99 -30.60 30.22
CA VAL K 25 -15.88 -31.07 28.84
C VAL K 25 -15.45 -29.94 27.99
N ARG K 26 -14.73 -30.29 26.93
CA ARG K 26 -14.26 -29.37 25.92
C ARG K 26 -14.89 -29.70 24.54
N HIS K 27 -15.38 -28.66 23.84
CA HIS K 27 -16.04 -28.75 22.50
C HIS K 27 -15.12 -28.03 21.51
N ILE K 28 -14.42 -28.80 20.68
CA ILE K 28 -13.43 -28.28 19.72
C ILE K 28 -13.91 -28.62 18.30
N VAL K 29 -13.83 -27.66 17.40
CA VAL K 29 -14.38 -27.80 16.06
C VAL K 29 -13.34 -27.29 15.09
N PHE K 30 -13.08 -28.07 14.04
CA PHE K 30 -12.33 -27.60 12.90
C PHE K 30 -13.32 -27.49 11.69
N ASN K 31 -13.16 -26.47 10.86
CA ASN K 31 -13.94 -26.38 9.64
C ASN K 31 -13.19 -25.62 8.54
N ARG K 32 -13.79 -25.67 7.36
CA ARG K 32 -13.39 -24.95 6.15
C ARG K 32 -14.70 -24.47 5.55
N TYR K 33 -14.78 -23.24 5.13
CA TYR K 33 -16.03 -22.72 4.65
C TYR K 33 -16.13 -23.03 3.16
N LYS K 34 -17.35 -23.28 2.68
CA LYS K 34 -17.62 -23.41 1.25
C LYS K 34 -17.14 -22.14 0.60
N SER K 35 -16.52 -22.26 -0.57
CA SER K 35 -15.96 -21.07 -1.28
C SER K 35 -16.98 -20.04 -1.86
N GLN K 36 -18.27 -20.34 -1.76
CA GLN K 36 -19.33 -19.44 -2.25
C GLN K 36 -19.55 -18.31 -1.23
N LEU K 37 -19.13 -18.53 0.02
CA LEU K 37 -19.24 -17.51 1.07
C LEU K 37 -18.16 -16.45 0.92
N SER K 38 -18.57 -15.20 1.08
CA SER K 38 -17.63 -14.09 1.25
C SER K 38 -17.08 -14.05 2.69
N GLN K 39 -15.94 -13.39 2.89
CA GLN K 39 -15.43 -13.17 4.26
C GLN K 39 -16.44 -12.40 5.15
N LYS K 40 -17.20 -11.46 4.57
CA LYS K 40 -18.18 -10.68 5.35
C LYS K 40 -19.19 -11.61 6.04
N GLN K 41 -19.61 -12.65 5.32
CA GLN K 41 -20.53 -13.69 5.82
C GLN K 41 -19.87 -14.72 6.74
N ILE K 42 -18.58 -14.95 6.55
CA ILE K 42 -17.85 -15.81 7.46
C ILE K 42 -17.75 -15.15 8.85
N ASP K 43 -17.37 -13.87 8.86
CA ASP K 43 -17.31 -13.05 10.08
C ASP K 43 -18.62 -13.00 10.84
N GLN K 44 -19.72 -12.91 10.09
CA GLN K 44 -21.05 -12.89 10.65
C GLN K 44 -21.30 -14.23 11.36
N ILE K 45 -20.93 -15.29 10.66
CA ILE K 45 -21.07 -16.60 11.19
C ILE K 45 -20.20 -16.72 12.45
N ILE K 46 -18.92 -16.30 12.39
CA ILE K 46 -18.06 -16.38 13.58
C ILE K 46 -18.73 -15.62 14.73
N ALA K 47 -19.33 -14.47 14.40
CA ALA K 47 -19.91 -13.59 15.42
C ALA K 47 -21.12 -14.17 16.17
N ASP K 48 -21.97 -14.92 15.45
CA ASP K 48 -23.14 -15.57 16.04
C ASP K 48 -22.75 -16.80 16.82
N TYR K 49 -21.70 -17.48 16.38
CA TYR K 49 -21.02 -18.49 17.19
C TYR K 49 -20.55 -17.85 18.50
N GLY K 50 -19.91 -16.69 18.38
CA GLY K 50 -19.59 -15.85 19.53
C GLY K 50 -20.73 -15.45 20.47
N ASN K 51 -21.84 -14.88 19.97
CA ASN K 51 -22.93 -14.40 20.88
C ASN K 51 -23.72 -15.56 21.53
N LEU K 52 -23.55 -16.75 21.01
CA LEU K 52 -24.13 -17.94 21.61
C LEU K 52 -23.66 -18.11 23.07
N GLN K 53 -22.48 -17.59 23.36
CA GLN K 53 -21.97 -17.52 24.72
C GLN K 53 -22.67 -16.51 25.59
N ASN K 54 -23.21 -15.46 24.99
CA ASN K 54 -24.12 -14.52 25.69
C ASN K 54 -25.53 -15.11 25.92
N ILE K 55 -26.01 -15.91 24.97
CA ILE K 55 -27.33 -16.54 25.02
C ILE K 55 -27.36 -17.78 25.91
N ALA K 56 -26.35 -18.63 25.83
CA ALA K 56 -26.23 -19.83 26.65
C ALA K 56 -25.12 -19.69 27.70
N PRO K 57 -25.47 -19.64 28.99
CA PRO K 57 -24.40 -19.62 30.01
C PRO K 57 -23.62 -20.93 30.14
N GLU K 58 -24.18 -22.03 29.62
CA GLU K 58 -23.49 -23.29 29.52
C GLU K 58 -22.17 -23.16 28.75
N MET K 59 -22.22 -22.48 27.60
CA MET K 59 -21.04 -22.32 26.75
C MET K 59 -20.12 -21.29 27.39
N LYS K 60 -18.89 -21.65 27.75
CA LYS K 60 -18.17 -20.85 28.74
C LYS K 60 -16.76 -20.27 28.47
N GLU K 61 -16.00 -20.72 27.48
CA GLU K 61 -14.66 -20.11 27.37
C GLU K 61 -14.26 -19.89 25.95
N TRP K 62 -15.10 -19.19 25.20
CA TRP K 62 -15.09 -19.27 23.75
C TRP K 62 -13.91 -18.57 23.11
N LYS K 63 -13.30 -19.32 22.22
CA LYS K 63 -12.08 -18.93 21.51
C LYS K 63 -12.10 -19.57 20.10
N TRP K 64 -11.51 -18.86 19.16
CA TRP K 64 -11.48 -19.29 17.81
C TRP K 64 -10.23 -18.67 17.17
N GLY K 65 -9.67 -19.32 16.15
CA GLY K 65 -8.76 -18.63 15.25
C GLY K 65 -8.58 -19.35 13.93
N THR K 66 -7.74 -18.80 13.06
CA THR K 66 -7.32 -19.44 11.82
C THR K 66 -5.99 -20.14 11.92
N ASP K 67 -5.87 -21.28 11.23
CA ASP K 67 -4.62 -22.05 11.16
C ASP K 67 -3.46 -21.20 10.63
N LEU K 68 -2.26 -21.42 11.16
CA LEU K 68 -1.05 -20.60 10.85
C LEU K 68 -0.28 -20.91 9.54
N GLY K 69 -0.64 -22.03 8.89
CA GLY K 69 -0.26 -22.28 7.52
C GLY K 69 0.92 -23.20 7.44
N PRO K 70 1.37 -23.52 6.22
CA PRO K 70 2.43 -24.52 6.01
C PRO K 70 3.83 -24.12 6.51
N ALA K 71 3.98 -22.86 6.91
CA ALA K 71 5.21 -22.38 7.56
C ALA K 71 5.26 -22.67 9.06
N VAL K 72 4.63 -23.75 9.48
CA VAL K 72 5.00 -24.43 10.69
C VAL K 72 4.69 -25.90 10.44
N GLU K 73 3.40 -26.19 10.38
CA GLU K 73 2.87 -27.55 10.27
C GLU K 73 1.98 -27.56 9.04
N ASP K 74 2.10 -28.58 8.18
CA ASP K 74 1.18 -28.72 7.05
C ASP K 74 0.27 -29.91 7.30
N ARG K 75 -0.24 -30.01 8.52
CA ARG K 75 -1.08 -31.12 8.90
C ARG K 75 -2.51 -30.67 9.18
N ALA K 76 -2.92 -29.53 8.61
CA ALA K 76 -4.29 -29.04 8.81
C ALA K 76 -5.32 -29.83 8.00
N ASP K 77 -4.87 -30.57 6.97
CA ASP K 77 -5.76 -31.34 6.10
C ASP K 77 -6.88 -30.45 5.56
N GLY K 78 -6.51 -29.24 5.14
CA GLY K 78 -7.48 -28.36 4.50
C GLY K 78 -8.47 -27.73 5.43
N PHE K 79 -8.42 -28.03 6.74
CA PHE K 79 -9.14 -27.24 7.72
C PHE K 79 -8.43 -25.92 7.96
N THR K 80 -9.18 -24.83 7.95
CA THR K 80 -8.66 -23.48 8.08
C THR K 80 -8.98 -22.86 9.42
N HIS K 81 -10.04 -23.29 10.09
CA HIS K 81 -10.59 -22.55 11.23
C HIS K 81 -10.82 -23.49 12.37
N ALA K 82 -10.62 -22.98 13.59
CA ALA K 82 -10.84 -23.78 14.79
C ALA K 82 -11.57 -22.96 15.84
N TYR K 83 -12.43 -23.61 16.61
CA TYR K 83 -13.29 -22.96 17.57
C TYR K 83 -13.29 -23.84 18.82
N GLU K 84 -12.88 -23.29 19.97
CA GLU K 84 -12.96 -23.99 21.27
C GLU K 84 -14.02 -23.38 22.16
N SER K 85 -14.62 -24.23 22.99
CA SER K 85 -15.71 -23.90 23.90
C SER K 85 -15.62 -24.88 25.09
N THR K 86 -16.20 -24.53 26.23
CA THR K 86 -16.06 -25.34 27.45
C THR K 86 -17.39 -25.42 28.18
N PHE K 87 -17.67 -26.63 28.70
CA PHE K 87 -18.84 -26.87 29.52
C PHE K 87 -18.40 -27.52 30.83
N HIS K 88 -19.12 -27.17 31.90
CA HIS K 88 -18.80 -27.58 33.28
C HIS K 88 -19.54 -28.86 33.68
N SER K 89 -19.76 -29.74 32.68
CA SER K 89 -20.67 -30.89 32.78
C SER K 89 -20.94 -31.43 31.39
N VAL K 90 -20.91 -32.75 31.25
CA VAL K 90 -21.31 -33.38 29.99
C VAL K 90 -22.81 -33.24 29.71
N ALA K 91 -23.62 -33.17 30.77
CA ALA K 91 -25.04 -32.88 30.63
C ALA K 91 -25.32 -31.45 30.14
N ASP K 92 -24.64 -30.45 30.75
CA ASP K 92 -24.74 -29.02 30.34
C ASP K 92 -24.38 -28.77 28.88
N PHE K 93 -23.48 -29.58 28.32
CA PHE K 93 -23.28 -29.55 26.86
C PHE K 93 -24.52 -29.98 26.06
N LEU K 94 -25.13 -31.09 26.46
CA LEU K 94 -26.33 -31.62 25.78
C LEU K 94 -27.55 -30.71 25.95
N ASN K 95 -27.70 -30.13 27.14
CA ASN K 95 -28.70 -29.09 27.38
C ASN K 95 -28.47 -27.90 26.42
N PHE K 96 -27.22 -27.49 26.28
CA PHE K 96 -26.87 -26.46 25.32
C PHE K 96 -27.17 -26.94 23.90
N PHE K 97 -26.75 -28.16 23.58
CA PHE K 97 -26.92 -28.76 22.24
C PHE K 97 -28.37 -28.74 21.71
N TYR K 98 -29.32 -29.01 22.59
CA TYR K 98 -30.73 -29.09 22.20
C TYR K 98 -31.54 -27.85 22.63
N SER K 99 -30.85 -26.77 22.99
CA SER K 99 -31.53 -25.49 23.21
C SER K 99 -31.76 -24.87 21.83
N PRO K 100 -32.92 -24.20 21.63
CA PRO K 100 -33.19 -23.47 20.39
C PRO K 100 -32.03 -22.65 19.78
N PRO K 101 -31.36 -21.76 20.56
CA PRO K 101 -30.33 -20.89 19.96
C PRO K 101 -29.19 -21.69 19.32
N ALA K 102 -28.77 -22.78 20.00
CA ALA K 102 -27.83 -23.74 19.45
C ALA K 102 -28.43 -24.52 18.26
N LEU K 103 -29.68 -24.96 18.38
CA LEU K 103 -30.35 -25.63 17.26
C LEU K 103 -30.52 -24.71 16.07
N GLU K 104 -30.81 -23.43 16.31
CA GLU K 104 -30.89 -22.44 15.24
C GLU K 104 -29.51 -22.27 14.60
N PHE K 105 -28.48 -22.06 15.41
CA PHE K 105 -27.11 -21.81 14.91
C PHE K 105 -26.54 -22.92 13.99
N ALA K 106 -26.82 -24.18 14.31
CA ALA K 106 -26.41 -25.29 13.42
C ALA K 106 -27.01 -25.21 12.00
N LYS K 107 -28.20 -24.61 11.87
CA LYS K 107 -28.79 -24.36 10.55
C LYS K 107 -27.82 -23.47 9.80
N GLU K 108 -27.44 -22.36 10.43
CA GLU K 108 -26.48 -21.41 9.86
C GLU K 108 -25.09 -22.04 9.60
N PHE K 109 -24.65 -22.89 10.52
CA PHE K 109 -23.24 -23.26 10.55
C PHE K 109 -22.90 -24.35 9.56
N PHE K 110 -23.51 -25.53 9.67
CA PHE K 110 -23.07 -26.72 8.91
C PHE K 110 -23.25 -26.62 7.38
N PRO K 111 -24.41 -26.15 6.92
CA PRO K 111 -24.58 -25.87 5.50
C PRO K 111 -23.62 -24.81 4.92
N ALA K 112 -23.01 -23.98 5.76
CA ALA K 112 -21.92 -23.07 5.34
C ALA K 112 -20.52 -23.74 5.31
N CYS K 113 -20.41 -24.99 5.77
CA CYS K 113 -19.14 -25.74 5.82
C CYS K 113 -18.81 -26.67 4.64
N GLU K 114 -17.66 -26.50 4.01
CA GLU K 114 -17.20 -27.46 3.03
C GLU K 114 -16.67 -28.68 3.76
N LYS K 115 -16.13 -28.46 4.95
CA LYS K 115 -15.62 -29.54 5.78
C LYS K 115 -15.93 -29.25 7.23
N ILE K 116 -15.83 -30.29 8.06
CA ILE K 116 -16.26 -30.21 9.45
C ILE K 116 -15.76 -31.44 10.19
N VAL K 117 -15.29 -31.25 11.43
CA VAL K 117 -14.98 -32.38 12.32
C VAL K 117 -15.02 -31.86 13.73
N VAL K 118 -15.71 -32.56 14.62
CA VAL K 118 -15.99 -32.07 15.96
C VAL K 118 -15.76 -33.15 16.99
N LEU K 119 -14.97 -32.84 18.02
CA LEU K 119 -14.77 -33.71 19.16
C LEU K 119 -15.28 -33.02 20.44
N ASN K 120 -15.96 -33.80 21.28
CA ASN K 120 -16.35 -33.43 22.65
C ASN K 120 -15.77 -34.42 23.65
N TYR K 121 -14.88 -33.94 24.51
CA TYR K 121 -14.19 -34.78 25.49
C TYR K 121 -14.11 -34.11 26.84
N ILE K 122 -14.19 -34.94 27.88
CA ILE K 122 -13.79 -34.55 29.25
C ILE K 122 -12.27 -34.31 29.35
N ILE K 123 -11.92 -33.15 29.91
CA ILE K 123 -10.54 -32.76 30.17
C ILE K 123 -9.90 -33.73 31.16
N ASN K 124 -8.62 -34.00 30.93
CA ASN K 124 -7.85 -34.92 31.72
C ASN K 124 -6.46 -34.32 31.98
N GLU K 125 -5.98 -34.40 33.22
CA GLU K 125 -4.60 -34.02 33.59
C GLU K 125 -4.01 -35.00 34.61
N PRO L 22 0.24 -9.19 22.61
CA PRO L 22 0.26 -10.52 23.24
C PRO L 22 -0.26 -11.69 22.34
N GLU L 23 0.62 -12.28 21.52
CA GLU L 23 0.27 -13.40 20.62
C GLU L 23 0.25 -14.77 21.31
N ILE L 24 -0.94 -15.23 21.73
CA ILE L 24 -1.08 -16.54 22.37
C ILE L 24 -1.55 -17.55 21.33
N VAL L 25 -0.82 -18.67 21.19
CA VAL L 25 -1.05 -19.63 20.11
C VAL L 25 -1.39 -21.03 20.61
N ARG L 26 -2.34 -21.68 19.95
CA ARG L 26 -2.91 -22.95 20.39
C ARG L 26 -2.57 -24.03 19.38
N HIS L 27 -2.12 -25.18 19.89
CA HIS L 27 -1.72 -26.35 19.13
C HIS L 27 -2.76 -27.34 19.50
N ILE L 28 -3.64 -27.72 18.57
CA ILE L 28 -4.69 -28.68 18.85
C ILE L 28 -4.53 -29.85 17.88
N VAL L 29 -4.48 -31.05 18.43
CA VAL L 29 -4.28 -32.26 17.66
C VAL L 29 -5.48 -33.18 17.86
N PHE L 30 -5.97 -33.74 16.75
CA PHE L 30 -6.87 -34.86 16.79
C PHE L 30 -6.19 -36.07 16.15
N ASN L 31 -6.34 -37.24 16.78
CA ASN L 31 -5.88 -38.49 16.15
C ASN L 31 -6.83 -39.67 16.33
N ARG L 32 -6.71 -40.64 15.42
CA ARG L 32 -7.18 -42.01 15.64
C ARG L 32 -5.92 -42.86 15.66
N TYR L 33 -5.81 -43.77 16.62
CA TYR L 33 -4.67 -44.70 16.65
C TYR L 33 -4.89 -45.89 15.73
N LYS L 34 -3.76 -46.42 15.26
CA LYS L 34 -3.72 -47.66 14.49
C LYS L 34 -4.21 -48.80 15.40
N SER L 35 -5.22 -49.55 14.95
CA SER L 35 -5.79 -50.65 15.76
C SER L 35 -4.75 -51.72 16.21
N GLN L 36 -3.64 -51.82 15.48
CA GLN L 36 -2.49 -52.66 15.87
C GLN L 36 -1.89 -52.31 17.24
N LEU L 37 -2.09 -51.07 17.70
CA LEU L 37 -1.70 -50.71 19.06
C LEU L 37 -2.68 -51.28 20.06
N SER L 38 -2.24 -51.39 21.30
CA SER L 38 -3.07 -51.81 22.40
C SER L 38 -3.23 -50.60 23.31
N GLN L 39 -3.99 -50.77 24.38
CA GLN L 39 -4.30 -49.68 25.31
C GLN L 39 -3.24 -49.40 26.39
N LYS L 40 -2.19 -50.21 26.49
CA LYS L 40 -1.04 -49.85 27.33
C LYS L 40 -0.13 -48.99 26.47
N GLN L 41 0.11 -49.46 25.23
CA GLN L 41 0.96 -48.77 24.23
C GLN L 41 0.51 -47.31 24.00
N ILE L 42 -0.82 -47.12 23.93
CA ILE L 42 -1.47 -45.78 23.94
C ILE L 42 -1.14 -44.96 25.20
N ASP L 43 -1.49 -45.47 26.37
CA ASP L 43 -1.33 -44.71 27.64
C ASP L 43 0.07 -44.16 27.88
N GLN L 44 1.08 -44.87 27.40
CA GLN L 44 2.46 -44.42 27.50
C GLN L 44 2.66 -43.22 26.53
N ILE L 45 2.22 -43.37 25.28
CA ILE L 45 2.31 -42.28 24.29
C ILE L 45 1.63 -40.99 24.83
N ILE L 46 0.52 -41.13 25.55
CA ILE L 46 -0.18 -40.02 26.22
C ILE L 46 0.70 -39.40 27.31
N ALA L 47 1.14 -40.21 28.26
CA ALA L 47 1.96 -39.71 29.38
C ALA L 47 3.18 -39.01 28.83
N ASP L 48 3.83 -39.62 27.85
CA ASP L 48 5.00 -39.03 27.18
C ASP L 48 4.78 -37.60 26.71
N TYR L 49 3.70 -37.41 25.95
CA TYR L 49 3.28 -36.08 25.46
C TYR L 49 3.25 -35.11 26.66
N GLY L 50 2.64 -35.56 27.76
CA GLY L 50 2.40 -34.70 28.93
C GLY L 50 3.64 -34.16 29.63
N ASN L 51 4.57 -35.06 29.92
CA ASN L 51 5.83 -34.67 30.58
C ASN L 51 6.79 -33.95 29.63
N LEU L 52 6.47 -33.93 28.34
CA LEU L 52 7.11 -33.00 27.41
C LEU L 52 7.00 -31.55 27.92
N GLN L 53 5.92 -31.22 28.61
CA GLN L 53 5.80 -29.93 29.33
C GLN L 53 6.97 -29.60 30.28
N ASN L 54 7.54 -30.63 30.91
CA ASN L 54 8.66 -30.49 31.86
C ASN L 54 9.96 -30.29 31.15
N ILE L 55 10.21 -31.06 30.09
CA ILE L 55 11.43 -30.87 29.27
C ILE L 55 11.41 -29.53 28.48
N ALA L 56 10.38 -29.28 27.67
CA ALA L 56 10.32 -28.07 26.83
C ALA L 56 9.36 -27.05 27.46
N PRO L 57 9.90 -26.06 28.23
CA PRO L 57 9.03 -25.23 29.11
C PRO L 57 8.11 -24.20 28.41
N GLU L 58 8.18 -24.15 27.08
CA GLU L 58 7.37 -23.25 26.28
C GLU L 58 5.94 -23.78 26.13
N MET L 59 5.80 -25.11 26.10
CA MET L 59 4.52 -25.82 26.11
C MET L 59 3.81 -25.68 27.45
N LYS L 60 2.85 -24.76 27.55
CA LYS L 60 2.42 -24.26 28.85
C LYS L 60 1.05 -24.68 29.42
N GLU L 61 0.18 -25.39 28.70
CA GLU L 61 -1.07 -25.82 29.34
C GLU L 61 -1.61 -27.14 28.85
N TRP L 62 -0.73 -28.09 28.60
CA TRP L 62 -1.11 -29.34 27.95
C TRP L 62 -2.29 -30.03 28.62
N LYS L 63 -3.33 -30.37 27.85
CA LYS L 63 -4.42 -31.21 28.32
C LYS L 63 -4.80 -32.17 27.20
N TRP L 64 -5.62 -33.17 27.53
CA TRP L 64 -6.04 -34.19 26.57
C TRP L 64 -7.41 -34.82 26.91
N GLY L 65 -7.92 -35.64 25.98
CA GLY L 65 -9.10 -36.41 26.24
C GLY L 65 -9.66 -37.20 25.09
N THR L 66 -10.66 -38.03 25.41
CA THR L 66 -11.29 -38.95 24.47
C THR L 66 -12.73 -38.51 24.06
N ASP L 67 -13.01 -38.62 22.76
CA ASP L 67 -14.26 -38.14 22.19
C ASP L 67 -15.33 -38.97 22.82
N LEU L 68 -16.41 -38.34 23.26
CA LEU L 68 -17.46 -39.04 24.01
C LEU L 68 -18.28 -39.99 23.13
N GLY L 69 -18.16 -39.83 21.81
CA GLY L 69 -18.80 -40.72 20.86
C GLY L 69 -20.20 -40.25 20.47
N PRO L 70 -20.81 -40.94 19.48
CA PRO L 70 -22.05 -40.55 18.78
C PRO L 70 -23.30 -40.28 19.61
N ALA L 71 -23.32 -40.80 20.84
CA ALA L 71 -24.35 -40.49 21.85
C ALA L 71 -24.47 -39.00 22.08
N VAL L 72 -23.32 -38.38 22.24
CA VAL L 72 -23.22 -36.95 22.49
C VAL L 72 -23.37 -36.22 21.16
N GLU L 73 -22.50 -36.55 20.21
CA GLU L 73 -22.52 -35.92 18.91
C GLU L 73 -21.71 -36.81 18.00
N ASP L 74 -22.19 -37.00 16.77
CA ASP L 74 -21.56 -37.91 15.84
C ASP L 74 -20.95 -37.11 14.70
N ARG L 75 -19.93 -36.32 15.01
CA ARG L 75 -19.24 -35.59 13.97
C ARG L 75 -17.75 -35.65 14.16
N ALA L 76 -17.27 -36.69 14.84
CA ALA L 76 -15.84 -36.83 15.11
C ALA L 76 -15.07 -37.37 13.93
N ASP L 77 -15.76 -37.98 12.96
CA ASP L 77 -15.13 -38.55 11.77
C ASP L 77 -14.05 -39.55 12.18
N GLY L 78 -14.39 -40.40 13.14
CA GLY L 78 -13.50 -41.46 13.52
C GLY L 78 -12.22 -41.00 14.20
N PHE L 79 -12.15 -39.76 14.65
CA PHE L 79 -11.05 -39.34 15.49
C PHE L 79 -11.51 -39.71 16.88
N THR L 80 -10.60 -40.30 17.68
CA THR L 80 -10.88 -40.68 19.08
C THR L 80 -10.35 -39.70 20.13
N HIS L 81 -9.13 -39.19 19.94
CA HIS L 81 -8.42 -38.43 21.00
C HIS L 81 -8.16 -36.98 20.54
N ALA L 82 -7.96 -36.09 21.51
CA ALA L 82 -7.62 -34.70 21.22
C ALA L 82 -6.64 -34.17 22.28
N TYR L 83 -5.80 -33.24 21.86
CA TYR L 83 -4.67 -32.78 22.66
C TYR L 83 -4.51 -31.32 22.49
N GLU L 84 -4.37 -30.59 23.58
CA GLU L 84 -4.28 -29.13 23.53
C GLU L 84 -3.23 -28.52 24.46
N SER L 85 -2.22 -27.91 23.85
CA SER L 85 -1.18 -27.21 24.54
C SER L 85 -1.19 -25.76 24.06
N THR L 86 -1.08 -24.82 25.02
CA THR L 86 -0.90 -23.38 24.79
C THR L 86 0.57 -22.97 24.66
N PHE L 87 0.84 -21.90 23.91
CA PHE L 87 2.19 -21.32 23.78
C PHE L 87 2.09 -19.82 23.88
N HIS L 88 3.02 -19.21 24.62
CA HIS L 88 2.90 -17.78 24.96
C HIS L 88 3.30 -16.83 23.81
N SER L 89 3.91 -17.33 22.74
CA SER L 89 4.17 -16.52 21.54
C SER L 89 4.27 -17.37 20.30
N VAL L 90 4.25 -16.73 19.14
CA VAL L 90 4.67 -17.41 17.92
C VAL L 90 6.13 -17.88 18.04
N ALA L 91 6.98 -17.04 18.62
CA ALA L 91 8.40 -17.35 18.78
C ALA L 91 8.55 -18.64 19.55
N ASP L 92 8.05 -18.63 20.79
CA ASP L 92 8.06 -19.82 21.67
C ASP L 92 7.58 -21.09 20.95
N PHE L 93 6.49 -20.96 20.16
CA PHE L 93 5.98 -22.09 19.38
C PHE L 93 6.99 -22.59 18.36
N LEU L 94 7.60 -21.66 17.63
CA LEU L 94 8.65 -22.05 16.68
C LEU L 94 9.86 -22.65 17.39
N ASN L 95 10.27 -22.05 18.50
CA ASN L 95 11.36 -22.61 19.32
C ASN L 95 11.01 -24.04 19.77
N PHE L 96 9.80 -24.23 20.27
CA PHE L 96 9.36 -25.57 20.69
C PHE L 96 9.28 -26.58 19.55
N PHE L 97 8.72 -26.20 18.40
CA PHE L 97 8.49 -27.13 17.27
C PHE L 97 9.80 -27.70 16.65
N TYR L 98 10.91 -26.97 16.76
CA TYR L 98 12.23 -27.42 16.23
C TYR L 98 13.26 -27.83 17.30
N SER L 99 12.96 -27.65 18.59
CA SER L 99 13.82 -28.20 19.68
C SER L 99 13.65 -29.73 19.63
N PRO L 100 14.77 -30.48 19.66
CA PRO L 100 14.69 -31.97 19.54
C PRO L 100 13.72 -32.74 20.48
N PRO L 101 13.57 -32.32 21.75
CA PRO L 101 12.44 -32.86 22.54
C PRO L 101 11.11 -33.03 21.74
N ALA L 102 10.77 -32.06 20.90
CA ALA L 102 9.61 -32.15 20.02
C ALA L 102 9.81 -33.13 18.87
N LEU L 103 10.93 -32.96 18.16
CA LEU L 103 11.24 -33.76 16.98
C LEU L 103 11.39 -35.24 17.34
N GLU L 104 11.86 -35.49 18.56
CA GLU L 104 11.91 -36.83 19.16
C GLU L 104 10.51 -37.42 19.22
N PHE L 105 9.65 -36.82 20.05
CA PHE L 105 8.29 -37.33 20.27
C PHE L 105 7.44 -37.38 18.99
N ALA L 106 7.69 -36.47 18.04
CA ALA L 106 7.01 -36.44 16.74
C ALA L 106 7.02 -37.80 16.02
N LYS L 107 8.21 -38.40 15.93
CA LYS L 107 8.42 -39.69 15.23
C LYS L 107 7.73 -40.88 15.94
N GLU L 108 7.47 -40.72 17.23
CA GLU L 108 6.80 -41.71 18.06
C GLU L 108 5.30 -41.63 17.89
N PHE L 109 4.79 -40.39 17.83
CA PHE L 109 3.38 -40.13 17.73
C PHE L 109 2.82 -40.27 16.32
N PHE L 110 3.58 -39.85 15.31
CA PHE L 110 3.00 -39.73 13.97
C PHE L 110 2.75 -41.08 13.25
N PRO L 111 3.74 -42.00 13.24
CA PRO L 111 3.45 -43.37 12.75
C PRO L 111 2.45 -44.15 13.63
N ALA L 112 2.26 -43.75 14.89
CA ALA L 112 1.19 -44.30 15.74
C ALA L 112 -0.23 -43.94 15.31
N CYS L 113 -0.37 -42.93 14.45
CA CYS L 113 -1.69 -42.46 14.01
C CYS L 113 -2.11 -43.17 12.72
N GLU L 114 -3.27 -43.80 12.75
CA GLU L 114 -4.04 -44.09 11.52
C GLU L 114 -4.60 -42.79 10.87
N LYS L 115 -5.12 -41.86 11.68
CA LYS L 115 -5.65 -40.56 11.20
C LYS L 115 -5.06 -39.41 12.01
N ILE L 116 -4.77 -38.30 11.33
CA ILE L 116 -4.16 -37.13 11.98
C ILE L 116 -4.73 -35.82 11.41
N VAL L 117 -4.85 -34.82 12.28
CA VAL L 117 -5.09 -33.44 11.84
C VAL L 117 -4.63 -32.50 12.95
N VAL L 118 -3.96 -31.42 12.54
CA VAL L 118 -3.38 -30.46 13.48
C VAL L 118 -3.70 -29.05 13.03
N LEU L 119 -4.13 -28.20 13.96
CA LEU L 119 -4.25 -26.79 13.72
C LEU L 119 -3.48 -26.03 14.80
N ASN L 120 -2.69 -25.07 14.36
CA ASN L 120 -2.13 -24.07 15.25
C ASN L 120 -2.75 -22.75 14.88
N TYR L 121 -3.38 -22.09 15.83
CA TYR L 121 -3.97 -20.75 15.61
C TYR L 121 -3.61 -19.80 16.73
N ILE L 122 -3.56 -18.49 16.41
CA ILE L 122 -3.51 -17.43 17.39
C ILE L 122 -4.91 -17.23 18.00
N ILE L 123 -5.01 -17.33 19.35
CA ILE L 123 -6.27 -17.16 20.16
C ILE L 123 -7.00 -15.85 19.91
N ASN L 124 -8.31 -15.93 19.77
CA ASN L 124 -9.12 -14.78 19.44
C ASN L 124 -10.42 -14.88 20.26
N GLU L 125 -10.57 -14.01 21.25
CA GLU L 125 -11.64 -14.14 22.27
C GLU L 125 -12.90 -13.26 21.97
N THR L 126 -12.87 -12.49 20.87
CA THR L 126 -14.00 -11.62 20.47
C THR L 126 -14.33 -11.69 18.95
N PHE L 127 -15.37 -10.98 18.53
CA PHE L 127 -15.95 -11.13 17.18
C PHE L 127 -15.09 -10.42 16.12
N PRO L 128 -15.41 -10.62 14.82
CA PRO L 128 -14.86 -9.74 13.77
C PRO L 128 -15.82 -8.62 13.32
#